data_3UM1
#
_entry.id   3UM1
#
_cell.length_a   68.920
_cell.length_b   111.390
_cell.length_c   116.270
_cell.angle_alpha   90.00
_cell.angle_beta   90.00
_cell.angle_gamma   90.00
#
_symmetry.space_group_name_H-M   'P 21 21 21'
#
loop_
_entity.id
_entity.type
_entity.pdbx_description
1 polymer 'BRO1 domain-containing protein BROX'
2 polymer 'Charged multivesicular body protein 5'
3 non-polymer GLYCEROL
4 water water
#
loop_
_entity_poly.entity_id
_entity_poly.type
_entity_poly.pdbx_seq_one_letter_code
_entity_poly.pdbx_strand_id
1 'polypeptide(L)'
;THWFHRNPLKATAPVSFNYYGVVTGPSASKICNDLRSSRARLLELFTDLSCNPEMMKNAADSYFSLLQGFINSLDESTQE
SKLRYIQNFKWTDTLQGQVPSAQQDAVFELISMGFNVALWYTKYASRLAGKENITEDEAKEVHRSLKIAAGIFKHLKESH
LPKLITPAEKGRDLESRLIEAYVIQCQAEAQEVTIARAIELKHAPGLIAALAYETANFYQKADHTLSSLEPAYSAKWRKY
LHLKMCFYTAYAYCYHGETLLASDKCGEAIRSLQEAEKLYAKAEALCKEYGETKGPGPTVKPSGHLFFRKLGNLVKNTLE
KCQRENGFIYFQKIPTEAPQLELKANYGLVEPIPFEFPPTSVQWTPETLAAFDLTK
;
A,D
2 'polypeptide(L)' RSYGTPELDEDDLEAELDALGDELLADEDSSYLDEAASAPAIPEGVPTDTKNKDGVLVDEFGLPQIPAS B,E
#
loop_
_chem_comp.id
_chem_comp.type
_chem_comp.name
_chem_comp.formula
GOL non-polymer GLYCEROL 'C3 H8 O3'
#
# COMPACT_ATOMS: atom_id res chain seq x y z
N THR A 1 19.77 -22.62 -3.84
CA THR A 1 19.05 -23.45 -4.80
C THR A 1 17.55 -23.40 -4.57
N HIS A 2 16.77 -23.41 -5.66
CA HIS A 2 15.31 -23.44 -5.55
C HIS A 2 14.78 -24.84 -5.68
N TRP A 3 13.75 -25.13 -4.88
CA TRP A 3 13.10 -26.42 -4.89
C TRP A 3 11.61 -26.21 -5.04
N PHE A 4 11.05 -26.70 -6.13
CA PHE A 4 9.63 -26.54 -6.40
C PHE A 4 8.99 -27.90 -6.55
N HIS A 5 8.03 -28.21 -5.68
CA HIS A 5 7.30 -29.47 -5.79
C HIS A 5 6.52 -29.51 -7.09
N ARG A 6 6.60 -30.65 -7.78
CA ARG A 6 5.93 -30.81 -9.07
C ARG A 6 5.07 -32.05 -9.11
N ASN A 7 3.79 -31.85 -9.44
CA ASN A 7 2.88 -32.94 -9.75
C ASN A 7 3.19 -33.44 -11.15
N PRO A 8 2.85 -34.69 -11.45
CA PRO A 8 3.20 -35.29 -12.74
C PRO A 8 2.48 -34.63 -13.91
N LEU A 9 3.00 -34.86 -15.12
CA LEU A 9 2.37 -34.40 -16.35
C LEU A 9 1.11 -35.19 -16.67
N LYS A 10 0.13 -34.52 -17.27
CA LYS A 10 -1.04 -35.20 -17.79
C LYS A 10 -0.64 -36.00 -19.03
N ALA A 11 -1.28 -37.14 -19.21
CA ALA A 11 -1.05 -37.98 -20.38
C ALA A 11 -2.34 -38.15 -21.16
N THR A 12 -2.23 -38.47 -22.44
CA THR A 12 -3.41 -38.65 -23.28
C THR A 12 -3.29 -39.86 -24.19
N ALA A 13 -4.42 -40.26 -24.76
CA ALA A 13 -4.45 -41.31 -25.77
C ALA A 13 -4.33 -40.70 -27.17
N PRO A 14 -3.59 -41.36 -28.06
CA PRO A 14 -3.38 -40.89 -29.44
C PRO A 14 -4.70 -40.60 -30.14
N VAL A 15 -4.74 -39.57 -30.98
CA VAL A 15 -5.93 -39.26 -31.77
C VAL A 15 -5.56 -39.13 -33.24
N SER A 16 -6.15 -39.98 -34.08
CA SER A 16 -5.85 -40.02 -35.50
C SER A 16 -6.66 -39.03 -36.34
N PHE A 17 -7.76 -38.54 -35.79
CA PHE A 17 -8.68 -37.65 -36.51
C PHE A 17 -9.15 -38.25 -37.84
N ASN A 18 -9.28 -39.57 -37.88
CA ASN A 18 -9.74 -40.22 -39.11
C ASN A 18 -11.24 -40.45 -39.09
N TYR A 19 -11.95 -39.66 -39.90
CA TYR A 19 -13.41 -39.74 -39.95
C TYR A 19 -13.97 -40.49 -41.16
N TYR A 20 -13.09 -40.95 -42.04
CA TYR A 20 -13.51 -41.73 -43.20
C TYR A 20 -14.54 -40.99 -44.06
N GLY A 21 -15.73 -41.58 -44.18
CA GLY A 21 -16.78 -41.04 -45.02
C GLY A 21 -17.10 -39.58 -44.73
N VAL A 22 -16.99 -39.18 -43.47
CA VAL A 22 -17.28 -37.81 -43.07
C VAL A 22 -16.43 -36.83 -43.89
N VAL A 23 -15.12 -37.00 -43.84
CA VAL A 23 -14.20 -36.06 -44.49
C VAL A 23 -14.12 -36.25 -46.02
N THR A 24 -14.08 -35.14 -46.74
CA THR A 24 -14.10 -35.16 -48.20
C THR A 24 -13.08 -34.19 -48.79
N GLY A 25 -12.46 -34.60 -49.90
CA GLY A 25 -11.54 -33.72 -50.59
C GLY A 25 -10.22 -33.56 -49.86
N PRO A 26 -9.22 -33.02 -50.55
CA PRO A 26 -7.88 -32.79 -50.00
C PRO A 26 -7.87 -31.84 -48.82
N SER A 27 -8.58 -30.72 -48.92
CA SER A 27 -8.58 -29.70 -47.88
C SER A 27 -8.92 -30.26 -46.50
N ALA A 28 -10.15 -30.75 -46.34
CA ALA A 28 -10.59 -31.28 -45.06
C ALA A 28 -9.72 -32.43 -44.57
N SER A 29 -9.45 -33.38 -45.46
CA SER A 29 -8.66 -34.55 -45.08
C SER A 29 -7.21 -34.19 -44.82
N LYS A 30 -6.77 -33.06 -45.36
CA LYS A 30 -5.42 -32.57 -45.11
C LYS A 30 -5.37 -31.89 -43.75
N ILE A 31 -6.47 -31.27 -43.34
CA ILE A 31 -6.55 -30.69 -42.02
C ILE A 31 -6.42 -31.76 -40.95
N CYS A 32 -7.04 -32.92 -41.20
CA CYS A 32 -7.03 -34.01 -40.23
C CYS A 32 -5.65 -34.62 -40.07
N ASN A 33 -4.83 -34.52 -41.12
CA ASN A 33 -3.45 -34.97 -41.06
C ASN A 33 -2.57 -34.00 -40.29
N ASP A 34 -2.89 -32.71 -40.41
CA ASP A 34 -2.15 -31.68 -39.69
C ASP A 34 -2.43 -31.73 -38.20
N LEU A 35 -3.71 -31.86 -37.84
CA LEU A 35 -4.09 -32.04 -36.46
C LEU A 35 -3.40 -33.28 -35.90
N ARG A 36 -3.48 -34.37 -36.64
CA ARG A 36 -2.84 -35.60 -36.25
C ARG A 36 -1.37 -35.36 -35.89
N SER A 37 -0.64 -34.69 -36.79
CA SER A 37 0.80 -34.52 -36.62
C SER A 37 1.17 -33.40 -35.63
N SER A 38 0.38 -32.33 -35.62
CA SER A 38 0.62 -31.24 -34.68
C SER A 38 0.41 -31.71 -33.24
N ARG A 39 -0.67 -32.45 -33.01
CA ARG A 39 -0.92 -33.01 -31.68
C ARG A 39 0.20 -33.97 -31.32
N ALA A 40 0.59 -34.80 -32.29
CA ALA A 40 1.64 -35.78 -32.07
C ALA A 40 2.97 -35.11 -31.68
N ARG A 41 3.32 -34.05 -32.39
CA ARG A 41 4.54 -33.30 -32.12
C ARG A 41 4.48 -32.60 -30.78
N LEU A 42 3.36 -31.94 -30.52
CA LEU A 42 3.17 -31.22 -29.26
C LEU A 42 3.24 -32.16 -28.06
N LEU A 43 2.82 -33.40 -28.25
CA LEU A 43 2.86 -34.40 -27.19
C LEU A 43 4.28 -34.91 -26.92
N GLU A 44 5.11 -34.93 -27.96
CA GLU A 44 6.48 -35.38 -27.80
C GLU A 44 7.33 -34.38 -27.01
N LEU A 45 7.15 -33.09 -27.28
CA LEU A 45 7.97 -32.06 -26.66
C LEU A 45 7.87 -32.08 -25.14
N PHE A 46 6.70 -32.46 -24.63
CA PHE A 46 6.46 -32.47 -23.20
C PHE A 46 7.54 -33.24 -22.45
N THR A 47 7.96 -34.36 -23.02
CA THR A 47 8.94 -35.25 -22.37
C THR A 47 10.39 -35.05 -22.83
N ASP A 48 10.61 -34.07 -23.69
CA ASP A 48 11.90 -33.86 -24.32
C ASP A 48 12.74 -32.78 -23.64
N LEU A 49 13.84 -33.19 -23.01
CA LEU A 49 14.76 -32.26 -22.36
C LEU A 49 15.26 -31.20 -23.34
N SER A 50 15.40 -31.59 -24.59
CA SER A 50 15.84 -30.66 -25.63
C SER A 50 14.95 -29.43 -25.70
N CYS A 51 13.65 -29.63 -25.48
CA CYS A 51 12.64 -28.61 -25.76
C CYS A 51 12.79 -27.32 -24.96
N ASN A 52 12.68 -26.20 -25.67
CA ASN A 52 12.69 -24.89 -25.01
C ASN A 52 11.37 -24.15 -25.27
N PRO A 53 11.19 -22.98 -24.64
CA PRO A 53 9.94 -22.23 -24.81
C PRO A 53 9.69 -21.85 -26.27
N GLU A 54 10.74 -21.52 -26.99
CA GLU A 54 10.58 -21.15 -28.38
C GLU A 54 9.99 -22.30 -29.17
N MET A 55 10.43 -23.52 -28.89
CA MET A 55 9.94 -24.70 -29.59
C MET A 55 8.52 -25.04 -29.16
N MET A 56 8.28 -25.01 -27.86
CA MET A 56 6.96 -25.29 -27.29
C MET A 56 5.93 -24.29 -27.79
N LYS A 57 6.23 -23.01 -27.64
CA LYS A 57 5.36 -21.95 -28.10
C LYS A 57 4.91 -22.17 -29.53
N ASN A 58 5.83 -22.63 -30.38
CA ASN A 58 5.49 -22.86 -31.78
C ASN A 58 4.63 -24.10 -32.00
N ALA A 59 4.96 -25.18 -31.30
CA ALA A 59 4.19 -26.41 -31.44
C ALA A 59 2.75 -26.22 -30.99
N ALA A 60 2.59 -25.64 -29.80
CA ALA A 60 1.27 -25.42 -29.23
C ALA A 60 0.46 -24.49 -30.12
N ASP A 61 1.06 -23.37 -30.49
CA ASP A 61 0.39 -22.41 -31.36
C ASP A 61 -0.19 -23.10 -32.59
N SER A 62 0.60 -23.98 -33.21
CA SER A 62 0.16 -24.64 -34.41
C SER A 62 -1.05 -25.51 -34.15
N TYR A 63 -0.91 -26.42 -33.20
CA TYR A 63 -1.99 -27.35 -32.87
C TYR A 63 -3.28 -26.66 -32.44
N PHE A 64 -3.17 -25.69 -31.54
CA PHE A 64 -4.35 -25.01 -31.03
C PHE A 64 -5.11 -24.22 -32.09
N SER A 65 -4.40 -23.60 -33.03
CA SER A 65 -5.10 -22.79 -34.03
C SER A 65 -5.86 -23.70 -34.99
N LEU A 66 -5.39 -24.94 -35.12
CA LEU A 66 -6.09 -25.94 -35.92
C LEU A 66 -7.28 -26.53 -35.16
N LEU A 67 -7.06 -26.88 -33.90
CA LEU A 67 -8.12 -27.43 -33.05
C LEU A 67 -9.20 -26.39 -32.81
N GLN A 68 -8.88 -25.14 -33.06
CA GLN A 68 -9.79 -24.03 -32.82
C GLN A 68 -10.98 -24.07 -33.78
N GLY A 69 -10.87 -24.87 -34.84
CA GLY A 69 -11.95 -25.01 -35.79
C GLY A 69 -12.98 -26.02 -35.32
N PHE A 70 -12.63 -26.75 -34.25
CA PHE A 70 -13.57 -27.66 -33.62
C PHE A 70 -14.37 -26.95 -32.54
N ILE A 71 -13.98 -25.73 -32.22
CA ILE A 71 -14.63 -24.97 -31.15
C ILE A 71 -15.39 -23.75 -31.70
N ASN A 72 -14.66 -22.83 -32.32
CA ASN A 72 -15.22 -21.58 -32.79
C ASN A 72 -15.98 -21.67 -34.12
N SER A 73 -16.93 -20.76 -34.30
CA SER A 73 -17.58 -20.60 -35.60
C SER A 73 -16.68 -19.74 -36.48
N LEU A 74 -16.76 -19.97 -37.79
CA LEU A 74 -16.06 -19.13 -38.76
C LEU A 74 -16.87 -17.86 -38.99
N ASP A 75 -18.10 -18.04 -39.47
CA ASP A 75 -19.04 -16.94 -39.57
C ASP A 75 -19.31 -16.40 -38.17
N GLU A 76 -19.80 -15.16 -38.08
CA GLU A 76 -20.25 -14.66 -36.78
C GLU A 76 -21.74 -14.88 -36.54
N SER A 77 -22.44 -15.40 -37.56
CA SER A 77 -23.81 -15.83 -37.35
C SER A 77 -23.87 -16.78 -36.15
N THR A 78 -23.30 -17.97 -36.32
CA THR A 78 -23.36 -19.01 -35.30
C THR A 78 -22.42 -18.74 -34.13
N GLN A 79 -22.76 -19.29 -32.97
CA GLN A 79 -21.97 -19.11 -31.77
C GLN A 79 -20.75 -20.04 -31.74
N GLU A 80 -20.89 -21.25 -32.29
CA GLU A 80 -19.81 -22.24 -32.19
C GLU A 80 -19.78 -23.27 -33.30
N SER A 81 -18.59 -23.85 -33.47
CA SER A 81 -18.32 -24.85 -34.49
C SER A 81 -19.22 -26.08 -34.38
N LYS A 82 -19.55 -26.66 -35.53
CA LYS A 82 -20.40 -27.84 -35.62
C LYS A 82 -19.62 -29.11 -35.34
N LEU A 83 -18.31 -28.99 -35.19
CA LEU A 83 -17.45 -30.15 -34.99
C LEU A 83 -17.14 -30.41 -33.52
N ARG A 84 -17.62 -29.54 -32.64
CA ARG A 84 -17.20 -29.59 -31.23
C ARG A 84 -17.29 -30.97 -30.58
N TYR A 85 -18.35 -31.70 -30.88
CA TYR A 85 -18.58 -33.01 -30.25
C TYR A 85 -18.15 -34.22 -31.09
N ILE A 86 -17.48 -33.97 -32.20
CA ILE A 86 -17.09 -35.02 -33.13
C ILE A 86 -16.07 -36.03 -32.59
N GLN A 87 -15.24 -35.62 -31.63
CA GLN A 87 -14.11 -36.47 -31.23
C GLN A 87 -14.03 -36.77 -29.74
N ASN A 88 -13.82 -38.03 -29.40
CA ASN A 88 -13.63 -38.43 -28.01
C ASN A 88 -12.18 -38.32 -27.59
N PHE A 89 -11.92 -37.46 -26.60
CA PHE A 89 -10.58 -37.25 -26.08
C PHE A 89 -10.44 -37.88 -24.70
N LYS A 90 -9.24 -38.36 -24.38
CA LYS A 90 -9.00 -39.05 -23.12
C LYS A 90 -7.76 -38.49 -22.42
N TRP A 91 -7.92 -38.12 -21.16
CA TRP A 91 -6.84 -37.48 -20.42
C TRP A 91 -6.72 -37.96 -18.98
N THR A 92 -5.49 -38.08 -18.49
CA THR A 92 -5.26 -38.31 -17.07
C THR A 92 -5.17 -36.97 -16.34
N ASP A 93 -4.99 -37.02 -15.03
CA ASP A 93 -4.95 -35.81 -14.22
C ASP A 93 -3.77 -35.82 -13.24
N THR A 94 -3.24 -34.64 -12.95
CA THR A 94 -2.05 -34.53 -12.12
C THR A 94 -2.17 -35.30 -10.81
N LEU A 95 -3.33 -35.18 -10.14
CA LEU A 95 -3.53 -35.82 -8.84
C LEU A 95 -4.18 -37.20 -8.86
N GLN A 96 -4.71 -37.62 -10.02
CA GLN A 96 -5.49 -38.85 -10.08
C GLN A 96 -4.74 -40.10 -10.55
N GLY A 97 -3.44 -39.96 -10.77
CA GLY A 97 -2.59 -41.08 -11.16
C GLY A 97 -2.87 -41.66 -12.53
N GLN A 98 -2.96 -43.00 -12.58
CA GLN A 98 -3.15 -43.72 -13.83
C GLN A 98 -4.54 -43.55 -14.43
N VAL A 99 -5.54 -43.28 -13.58
CA VAL A 99 -6.92 -43.20 -14.02
C VAL A 99 -7.21 -42.01 -14.91
N PRO A 100 -7.64 -42.28 -16.16
CA PRO A 100 -7.98 -41.22 -17.10
C PRO A 100 -9.46 -40.84 -17.02
N SER A 101 -9.86 -39.81 -17.77
CA SER A 101 -11.27 -39.48 -17.94
C SER A 101 -11.52 -38.95 -19.35
N ALA A 102 -12.60 -39.41 -19.98
CA ALA A 102 -12.91 -39.00 -21.34
C ALA A 102 -14.14 -38.11 -21.44
N GLN A 103 -14.11 -37.22 -22.43
CA GLN A 103 -15.27 -36.44 -22.82
C GLN A 103 -15.16 -36.30 -24.31
N GLN A 104 -16.28 -36.36 -25.02
CA GLN A 104 -16.18 -36.05 -26.43
C GLN A 104 -16.64 -34.62 -26.52
N ASP A 105 -15.68 -33.73 -26.35
CA ASP A 105 -15.88 -32.30 -26.41
C ASP A 105 -14.53 -31.77 -26.85
N ALA A 106 -14.50 -30.88 -27.83
CA ALA A 106 -13.23 -30.37 -28.31
C ALA A 106 -12.65 -29.43 -27.27
N VAL A 107 -13.53 -28.76 -26.54
CA VAL A 107 -13.13 -27.84 -25.48
C VAL A 107 -12.41 -28.57 -24.34
N PHE A 108 -12.82 -29.81 -24.08
CA PHE A 108 -12.15 -30.64 -23.08
C PHE A 108 -10.70 -30.90 -23.48
N GLU A 109 -10.46 -31.00 -24.79
CA GLU A 109 -9.12 -31.23 -25.30
C GLU A 109 -8.27 -29.97 -25.20
N LEU A 110 -8.88 -28.84 -25.52
CA LEU A 110 -8.21 -27.56 -25.52
C LEU A 110 -7.67 -27.24 -24.13
N ILE A 111 -8.51 -27.47 -23.12
CA ILE A 111 -8.17 -27.13 -21.74
C ILE A 111 -7.19 -28.12 -21.12
N SER A 112 -7.35 -29.41 -21.42
CA SER A 112 -6.42 -30.42 -20.94
C SER A 112 -5.05 -30.25 -21.57
N MET A 113 -5.02 -29.95 -22.86
CA MET A 113 -3.76 -29.76 -23.56
C MET A 113 -3.13 -28.45 -23.10
N GLY A 114 -3.93 -27.39 -23.08
CA GLY A 114 -3.44 -26.09 -22.66
C GLY A 114 -2.92 -26.14 -21.24
N PHE A 115 -3.60 -26.92 -20.41
CA PHE A 115 -3.19 -27.15 -19.03
C PHE A 115 -1.79 -27.75 -19.00
N ASN A 116 -1.59 -28.81 -19.79
CA ASN A 116 -0.29 -29.46 -19.84
C ASN A 116 0.83 -28.53 -20.27
N VAL A 117 0.56 -27.70 -21.28
CA VAL A 117 1.52 -26.72 -21.75
C VAL A 117 1.95 -25.82 -20.59
N ALA A 118 0.94 -25.32 -19.86
CA ALA A 118 1.16 -24.53 -18.66
C ALA A 118 2.04 -25.32 -17.69
N LEU A 119 1.67 -26.57 -17.48
CA LEU A 119 2.40 -27.44 -16.58
C LEU A 119 3.83 -27.63 -17.07
N TRP A 120 4.01 -27.60 -18.39
CA TRP A 120 5.34 -27.76 -18.95
C TRP A 120 6.24 -26.58 -18.56
N TYR A 121 5.75 -25.37 -18.80
CA TYR A 121 6.50 -24.16 -18.51
C TYR A 121 7.04 -24.11 -17.07
N THR A 122 6.24 -24.60 -16.13
CA THR A 122 6.67 -24.61 -14.74
C THR A 122 7.72 -25.69 -14.49
N LYS A 123 7.62 -26.80 -15.21
CA LYS A 123 8.60 -27.86 -15.06
C LYS A 123 9.90 -27.44 -15.69
N TYR A 124 9.80 -26.76 -16.83
CA TYR A 124 10.98 -26.22 -17.50
C TYR A 124 11.67 -25.20 -16.59
N ALA A 125 10.86 -24.43 -15.87
CA ALA A 125 11.38 -23.42 -14.95
C ALA A 125 12.05 -24.02 -13.71
N SER A 126 11.52 -25.13 -13.21
CA SER A 126 12.07 -25.74 -12.01
C SER A 126 13.40 -26.46 -12.25
N ARG A 127 13.53 -27.17 -13.38
CA ARG A 127 14.82 -27.78 -13.74
C ARG A 127 15.86 -26.69 -13.72
N LEU A 128 15.49 -25.58 -14.36
CA LEU A 128 16.34 -24.41 -14.51
C LEU A 128 16.74 -23.80 -13.17
N ALA A 129 15.75 -23.46 -12.35
CA ALA A 129 16.00 -22.81 -11.07
C ALA A 129 16.72 -23.73 -10.07
N GLY A 130 16.84 -25.00 -10.43
CA GLY A 130 17.51 -25.98 -9.57
C GLY A 130 19.02 -25.99 -9.68
N LYS A 131 19.54 -25.41 -10.76
CA LYS A 131 20.98 -25.35 -10.99
C LYS A 131 21.70 -24.41 -10.01
N GLU A 132 22.94 -24.78 -9.64
CA GLU A 132 23.79 -23.94 -8.80
C GLU A 132 24.47 -22.86 -9.63
N ASN A 133 24.76 -23.19 -10.89
CA ASN A 133 25.41 -22.25 -11.80
C ASN A 133 24.54 -21.04 -12.13
N ILE A 134 23.29 -21.09 -11.69
CA ILE A 134 22.24 -20.29 -12.30
C ILE A 134 22.64 -18.84 -12.51
N THR A 135 22.45 -18.36 -13.74
CA THR A 135 22.83 -17.00 -14.08
C THR A 135 21.64 -16.03 -14.02
N GLU A 136 21.92 -14.76 -14.23
CA GLU A 136 20.88 -13.73 -14.17
C GLU A 136 19.85 -13.91 -15.28
N ASP A 137 20.31 -13.97 -16.53
CA ASP A 137 19.41 -14.13 -17.67
C ASP A 137 18.64 -15.44 -17.58
N GLU A 138 19.24 -16.44 -16.94
CA GLU A 138 18.55 -17.71 -16.73
C GLU A 138 17.53 -17.58 -15.61
N ALA A 139 17.90 -16.88 -14.54
CA ALA A 139 16.97 -16.60 -13.47
C ALA A 139 15.73 -15.90 -14.05
N LYS A 140 15.95 -14.92 -14.91
CA LYS A 140 14.84 -14.19 -15.52
C LYS A 140 13.97 -15.10 -16.36
N GLU A 141 14.61 -16.07 -17.01
CA GLU A 141 13.90 -17.06 -17.79
C GLU A 141 12.93 -17.86 -16.91
N VAL A 142 13.33 -18.16 -15.68
CA VAL A 142 12.50 -18.91 -14.78
C VAL A 142 11.32 -18.07 -14.32
N HIS A 143 11.64 -16.85 -13.90
CA HIS A 143 10.65 -15.87 -13.52
C HIS A 143 9.58 -15.77 -14.60
N ARG A 144 10.01 -15.76 -15.86
CA ARG A 144 9.08 -15.57 -16.98
C ARG A 144 8.27 -16.82 -17.30
N SER A 145 8.93 -17.96 -17.33
CA SER A 145 8.23 -19.22 -17.57
C SER A 145 7.08 -19.39 -16.59
N LEU A 146 7.30 -18.93 -15.36
CA LEU A 146 6.29 -19.05 -14.32
C LEU A 146 5.11 -18.11 -14.56
N LYS A 147 5.41 -16.88 -14.99
CA LYS A 147 4.37 -15.90 -15.24
C LYS A 147 3.51 -16.27 -16.46
N ILE A 148 4.12 -16.98 -17.40
CA ILE A 148 3.37 -17.43 -18.57
C ILE A 148 2.46 -18.58 -18.18
N ALA A 149 3.01 -19.54 -17.47
CA ALA A 149 2.24 -20.67 -17.00
C ALA A 149 1.04 -20.15 -16.22
N ALA A 150 1.27 -19.16 -15.38
CA ALA A 150 0.22 -18.62 -14.53
C ALA A 150 -0.90 -18.02 -15.37
N GLY A 151 -0.53 -17.22 -16.39
CA GLY A 151 -1.49 -16.56 -17.23
C GLY A 151 -2.29 -17.53 -18.07
N ILE A 152 -1.65 -18.62 -18.46
CA ILE A 152 -2.34 -19.68 -19.18
C ILE A 152 -3.43 -20.29 -18.31
N PHE A 153 -3.03 -20.79 -17.15
CA PHE A 153 -3.96 -21.39 -16.19
C PHE A 153 -5.14 -20.46 -15.93
N LYS A 154 -4.83 -19.21 -15.58
CA LYS A 154 -5.86 -18.22 -15.30
C LYS A 154 -6.86 -18.11 -16.44
N HIS A 155 -6.36 -18.19 -17.67
CA HIS A 155 -7.20 -18.04 -18.86
C HIS A 155 -8.12 -19.24 -19.04
N LEU A 156 -7.61 -20.42 -18.75
CA LEU A 156 -8.44 -21.61 -18.77
C LEU A 156 -9.59 -21.44 -17.78
N LYS A 157 -9.24 -21.16 -16.54
CA LYS A 157 -10.22 -20.98 -15.46
C LYS A 157 -11.26 -19.91 -15.79
N GLU A 158 -10.81 -18.73 -16.21
CA GLU A 158 -11.72 -17.64 -16.47
C GLU A 158 -12.58 -17.76 -17.74
N SER A 159 -11.94 -17.94 -18.89
CA SER A 159 -12.66 -17.86 -20.16
C SER A 159 -13.07 -19.20 -20.79
N HIS A 160 -12.62 -20.31 -20.21
CA HIS A 160 -12.76 -21.61 -20.87
C HIS A 160 -13.50 -22.66 -20.05
N LEU A 161 -13.02 -22.93 -18.84
CA LEU A 161 -13.67 -23.86 -17.93
C LEU A 161 -15.21 -23.72 -17.87
N PRO A 162 -15.73 -22.48 -17.88
CA PRO A 162 -17.18 -22.30 -17.86
C PRO A 162 -17.92 -23.01 -19.00
N LYS A 163 -17.24 -23.31 -20.11
CA LYS A 163 -17.91 -23.81 -21.32
C LYS A 163 -18.13 -25.32 -21.41
N LEU A 164 -17.48 -26.10 -20.55
CA LEU A 164 -17.64 -27.55 -20.59
C LEU A 164 -19.04 -27.95 -20.15
N ILE A 165 -19.69 -28.84 -20.90
CA ILE A 165 -21.02 -29.29 -20.52
C ILE A 165 -20.99 -30.34 -19.41
N THR A 166 -19.90 -31.10 -19.34
CA THR A 166 -19.70 -32.04 -18.23
C THR A 166 -19.28 -31.27 -16.97
N PRO A 167 -20.07 -31.40 -15.90
CA PRO A 167 -19.81 -30.65 -14.67
C PRO A 167 -18.51 -31.07 -13.98
N ALA A 168 -17.87 -30.09 -13.33
CA ALA A 168 -16.53 -30.25 -12.76
C ALA A 168 -16.45 -31.33 -11.67
N GLU A 169 -15.47 -32.21 -11.81
CA GLU A 169 -15.28 -33.31 -10.89
C GLU A 169 -14.14 -33.00 -9.93
N LYS A 170 -14.45 -32.98 -8.63
CA LYS A 170 -13.46 -32.67 -7.60
C LYS A 170 -12.28 -33.65 -7.61
N GLY A 171 -11.06 -33.10 -7.65
CA GLY A 171 -9.85 -33.88 -7.72
C GLY A 171 -9.24 -33.90 -9.11
N ARG A 172 -10.08 -33.63 -10.11
CA ARG A 172 -9.64 -33.53 -11.49
C ARG A 172 -8.99 -32.17 -11.78
N ASP A 173 -8.13 -32.12 -12.79
CA ASP A 173 -7.40 -30.89 -13.12
C ASP A 173 -8.31 -29.78 -13.58
N LEU A 174 -9.47 -30.16 -14.11
CA LEU A 174 -10.37 -29.23 -14.79
C LEU A 174 -11.40 -28.52 -13.93
N GLU A 175 -11.24 -28.58 -12.60
CA GLU A 175 -12.15 -27.83 -11.74
C GLU A 175 -11.54 -26.49 -11.27
N SER A 176 -12.40 -25.51 -11.08
CA SER A 176 -12.02 -24.14 -10.69
C SER A 176 -10.99 -24.03 -9.56
N ARG A 177 -11.35 -24.52 -8.37
CA ARG A 177 -10.47 -24.39 -7.21
C ARG A 177 -9.02 -24.83 -7.50
N LEU A 178 -8.87 -25.99 -8.11
CA LEU A 178 -7.54 -26.53 -8.36
C LEU A 178 -6.73 -25.71 -9.37
N ILE A 179 -7.36 -25.23 -10.44
CA ILE A 179 -6.66 -24.37 -11.39
C ILE A 179 -6.22 -23.10 -10.67
N GLU A 180 -7.08 -22.59 -9.81
CA GLU A 180 -6.77 -21.41 -9.03
C GLU A 180 -5.55 -21.66 -8.13
N ALA A 181 -5.42 -22.90 -7.65
CA ALA A 181 -4.29 -23.30 -6.82
C ALA A 181 -2.98 -23.28 -7.62
N TYR A 182 -3.06 -23.64 -8.88
CA TYR A 182 -1.89 -23.63 -9.76
C TYR A 182 -1.48 -22.19 -10.11
N VAL A 183 -2.46 -21.37 -10.45
CA VAL A 183 -2.22 -19.95 -10.72
C VAL A 183 -1.47 -19.26 -9.58
N ILE A 184 -1.91 -19.48 -8.35
CA ILE A 184 -1.28 -18.88 -7.18
C ILE A 184 0.16 -19.38 -6.97
N GLN A 185 0.32 -20.69 -6.93
CA GLN A 185 1.64 -21.29 -6.76
C GLN A 185 2.66 -20.71 -7.74
N CYS A 186 2.28 -20.58 -9.01
CA CYS A 186 3.16 -20.02 -10.04
C CYS A 186 3.65 -18.62 -9.70
N GLN A 187 2.73 -17.76 -9.27
CA GLN A 187 3.11 -16.42 -8.83
C GLN A 187 4.02 -16.54 -7.60
N ALA A 188 3.64 -17.39 -6.67
CA ALA A 188 4.42 -17.62 -5.46
C ALA A 188 5.85 -18.01 -5.78
N GLU A 189 6.02 -18.83 -6.79
CA GLU A 189 7.34 -19.33 -7.17
C GLU A 189 8.17 -18.28 -7.89
N ALA A 190 7.52 -17.42 -8.66
CA ALA A 190 8.23 -16.34 -9.33
C ALA A 190 8.77 -15.36 -8.32
N GLN A 191 8.04 -15.16 -7.24
CA GLN A 191 8.47 -14.24 -6.19
C GLN A 191 9.64 -14.78 -5.36
N GLU A 192 9.68 -16.08 -5.16
CA GLU A 192 10.83 -16.71 -4.51
C GLU A 192 12.10 -16.37 -5.28
N VAL A 193 12.02 -16.43 -6.60
CA VAL A 193 13.17 -16.13 -7.45
C VAL A 193 13.64 -14.71 -7.19
N THR A 194 12.68 -13.80 -7.04
CA THR A 194 12.97 -12.40 -6.82
C THR A 194 13.55 -12.19 -5.43
N ILE A 195 13.03 -12.93 -4.46
CA ILE A 195 13.51 -12.85 -3.09
C ILE A 195 14.98 -13.23 -2.99
N ALA A 196 15.33 -14.33 -3.64
CA ALA A 196 16.72 -14.76 -3.68
C ALA A 196 17.56 -13.63 -4.28
N ARG A 197 17.05 -13.05 -5.37
CA ARG A 197 17.76 -11.99 -6.04
C ARG A 197 17.94 -10.78 -5.11
N ALA A 198 16.89 -10.41 -4.40
CA ALA A 198 16.93 -9.25 -3.52
C ALA A 198 17.86 -9.46 -2.33
N ILE A 199 17.94 -10.69 -1.85
CA ILE A 199 18.82 -11.00 -0.73
C ILE A 199 20.27 -11.02 -1.19
N GLU A 200 20.46 -11.35 -2.45
CA GLU A 200 21.77 -11.47 -3.05
C GLU A 200 22.32 -10.10 -3.44
N LEU A 201 21.43 -9.23 -3.91
CA LEU A 201 21.81 -7.87 -4.28
C LEU A 201 21.81 -6.98 -3.05
N LYS A 202 21.54 -7.57 -1.89
CA LYS A 202 21.58 -6.86 -0.61
C LYS A 202 20.61 -5.68 -0.59
N HIS A 203 19.36 -5.93 -0.97
CA HIS A 203 18.28 -4.95 -0.88
C HIS A 203 17.82 -4.73 0.56
N ALA A 204 17.12 -3.61 0.76
CA ALA A 204 16.63 -3.24 2.08
C ALA A 204 15.88 -4.38 2.78
N PRO A 205 16.01 -4.46 4.12
CA PRO A 205 15.34 -5.51 4.91
C PRO A 205 13.83 -5.41 4.83
N GLY A 206 13.31 -4.18 4.80
CA GLY A 206 11.88 -3.98 4.76
C GLY A 206 11.29 -4.51 3.47
N LEU A 207 12.02 -4.30 2.39
CA LEU A 207 11.60 -4.73 1.08
C LEU A 207 11.53 -6.26 1.02
N ILE A 208 12.57 -6.91 1.51
CA ILE A 208 12.65 -8.37 1.52
C ILE A 208 11.59 -9.00 2.44
N ALA A 209 11.49 -8.47 3.66
CA ALA A 209 10.50 -8.94 4.62
C ALA A 209 9.09 -8.90 4.03
N ALA A 210 8.77 -7.79 3.36
CA ALA A 210 7.44 -7.62 2.80
C ALA A 210 7.18 -8.58 1.66
N LEU A 211 8.17 -8.77 0.79
CA LEU A 211 8.01 -9.67 -0.33
C LEU A 211 7.96 -11.13 0.15
N ALA A 212 8.62 -11.40 1.27
CA ALA A 212 8.59 -12.73 1.88
C ALA A 212 7.22 -12.98 2.55
N TYR A 213 6.69 -11.94 3.19
CA TYR A 213 5.40 -12.01 3.84
C TYR A 213 4.27 -12.24 2.82
N GLU A 214 4.28 -11.44 1.75
CA GLU A 214 3.31 -11.58 0.67
C GLU A 214 3.38 -12.96 0.04
N THR A 215 4.59 -13.50 -0.04
CA THR A 215 4.79 -14.81 -0.65
C THR A 215 4.20 -15.92 0.22
N ALA A 216 4.45 -15.85 1.53
CA ALA A 216 3.89 -16.82 2.45
C ALA A 216 2.36 -16.79 2.38
N ASN A 217 1.82 -15.59 2.17
CA ASN A 217 0.38 -15.42 2.05
C ASN A 217 -0.20 -16.12 0.83
N PHE A 218 0.50 -16.03 -0.30
CA PHE A 218 0.06 -16.72 -1.50
C PHE A 218 0.04 -18.23 -1.24
N TYR A 219 1.05 -18.71 -0.55
CA TYR A 219 1.13 -20.13 -0.19
C TYR A 219 0.02 -20.59 0.75
N GLN A 220 -0.25 -19.79 1.77
CA GLN A 220 -1.35 -20.07 2.68
C GLN A 220 -2.64 -20.08 1.88
N LYS A 221 -2.78 -19.09 1.01
CA LYS A 221 -3.99 -18.89 0.24
C LYS A 221 -4.20 -20.03 -0.76
N ALA A 222 -3.10 -20.60 -1.22
CA ALA A 222 -3.18 -21.77 -2.10
C ALA A 222 -3.67 -22.99 -1.32
N ASP A 223 -3.02 -23.26 -0.19
CA ASP A 223 -3.39 -24.38 0.66
C ASP A 223 -4.86 -24.34 1.03
N HIS A 224 -5.36 -23.13 1.27
CA HIS A 224 -6.77 -22.95 1.60
C HIS A 224 -7.62 -23.42 0.43
N THR A 225 -7.25 -23.00 -0.77
CA THR A 225 -8.03 -23.31 -1.97
C THR A 225 -8.14 -24.81 -2.22
N LEU A 226 -7.13 -25.55 -1.77
CA LEU A 226 -7.13 -26.99 -1.93
C LEU A 226 -7.81 -27.72 -0.77
N SER A 227 -8.12 -27.01 0.30
CA SER A 227 -8.70 -27.62 1.48
C SER A 227 -10.02 -28.34 1.19
N SER A 228 -10.65 -28.01 0.07
CA SER A 228 -11.90 -28.64 -0.34
C SER A 228 -11.68 -30.06 -0.87
N LEU A 229 -10.44 -30.36 -1.25
CA LEU A 229 -10.09 -31.65 -1.82
C LEU A 229 -9.96 -32.76 -0.77
N GLU A 230 -10.15 -34.00 -1.22
CA GLU A 230 -9.95 -35.16 -0.38
C GLU A 230 -8.47 -35.33 -0.04
N PRO A 231 -8.16 -35.77 1.18
CA PRO A 231 -6.78 -35.87 1.66
C PRO A 231 -5.94 -36.85 0.85
N ALA A 232 -6.52 -37.96 0.41
CA ALA A 232 -5.73 -38.97 -0.29
C ALA A 232 -4.80 -38.33 -1.31
N TYR A 233 -5.37 -37.72 -2.32
CA TYR A 233 -4.57 -37.15 -3.41
C TYR A 233 -3.95 -35.75 -3.14
N SER A 234 -4.57 -34.97 -2.27
CA SER A 234 -4.14 -33.59 -2.03
C SER A 234 -3.24 -33.38 -0.81
N ALA A 235 -2.97 -34.46 -0.06
CA ALA A 235 -2.30 -34.34 1.24
C ALA A 235 -0.84 -33.88 1.15
N LYS A 236 -0.06 -34.53 0.29
CA LYS A 236 1.35 -34.19 0.17
C LYS A 236 1.52 -32.77 -0.35
N TRP A 237 0.81 -32.44 -1.41
CA TRP A 237 0.89 -31.12 -2.02
C TRP A 237 0.55 -30.01 -1.02
N ARG A 238 -0.46 -30.27 -0.19
CA ARG A 238 -0.89 -29.31 0.83
C ARG A 238 0.15 -29.16 1.94
N LYS A 239 0.77 -30.28 2.29
CA LYS A 239 1.86 -30.29 3.27
C LYS A 239 3.04 -29.47 2.75
N TYR A 240 3.22 -29.48 1.43
CA TYR A 240 4.25 -28.67 0.80
C TYR A 240 3.96 -27.17 0.90
N LEU A 241 2.75 -26.79 0.52
CA LEU A 241 2.35 -25.40 0.56
C LEU A 241 2.43 -24.87 1.99
N HIS A 242 2.07 -25.71 2.94
CA HIS A 242 2.14 -25.34 4.34
C HIS A 242 3.60 -25.09 4.70
N LEU A 243 4.48 -25.98 4.23
CA LEU A 243 5.91 -25.86 4.42
C LEU A 243 6.47 -24.56 3.83
N LYS A 244 6.04 -24.21 2.62
CA LYS A 244 6.52 -23.00 1.97
C LYS A 244 5.99 -21.74 2.64
N MET A 245 4.82 -21.82 3.24
CA MET A 245 4.29 -20.67 3.96
C MET A 245 5.11 -20.39 5.21
N CYS A 246 5.45 -21.46 5.95
CA CYS A 246 6.27 -21.34 7.14
C CYS A 246 7.68 -20.83 6.84
N PHE A 247 8.31 -21.43 5.84
CA PHE A 247 9.63 -21.00 5.43
C PHE A 247 9.64 -19.48 5.25
N TYR A 248 8.68 -18.95 4.49
CA TYR A 248 8.69 -17.53 4.17
C TYR A 248 8.14 -16.60 5.25
N THR A 249 7.42 -17.14 6.23
CA THR A 249 7.06 -16.32 7.37
C THR A 249 8.27 -16.21 8.27
N ALA A 250 9.10 -17.24 8.26
CA ALA A 250 10.39 -17.20 8.96
C ALA A 250 11.23 -16.06 8.40
N TYR A 251 11.39 -16.04 7.08
CA TYR A 251 12.08 -14.93 6.41
C TYR A 251 11.50 -13.56 6.71
N ALA A 252 10.17 -13.48 6.80
CA ALA A 252 9.49 -12.23 7.08
C ALA A 252 9.91 -11.67 8.44
N TYR A 253 9.80 -12.50 9.47
CA TYR A 253 10.17 -12.09 10.83
C TYR A 253 11.66 -11.83 10.94
N CYS A 254 12.45 -12.65 10.26
CA CYS A 254 13.90 -12.48 10.25
C CYS A 254 14.27 -11.08 9.76
N TYR A 255 13.94 -10.80 8.50
CA TYR A 255 14.29 -9.51 7.89
C TYR A 255 13.57 -8.34 8.53
N HIS A 256 12.40 -8.61 9.11
CA HIS A 256 11.63 -7.59 9.82
C HIS A 256 12.32 -7.20 11.12
N GLY A 257 12.86 -8.19 11.83
CA GLY A 257 13.63 -7.95 13.03
C GLY A 257 14.78 -6.99 12.78
N GLU A 258 15.45 -7.14 11.64
CA GLU A 258 16.52 -6.22 11.26
C GLU A 258 15.96 -4.81 11.18
N THR A 259 14.78 -4.68 10.59
CA THR A 259 14.06 -3.41 10.54
C THR A 259 13.89 -2.86 11.94
N LEU A 260 13.42 -3.72 12.84
CA LEU A 260 13.15 -3.32 14.22
C LEU A 260 14.42 -2.93 14.97
N LEU A 261 15.47 -3.72 14.81
CA LEU A 261 16.73 -3.43 15.47
C LEU A 261 17.20 -2.03 15.07
N ALA A 262 17.11 -1.74 13.78
CA ALA A 262 17.54 -0.45 13.26
C ALA A 262 16.72 0.71 13.85
N SER A 263 15.47 0.41 14.22
CA SER A 263 14.59 1.39 14.84
C SER A 263 14.77 1.43 16.35
N ASP A 264 15.78 0.70 16.84
CA ASP A 264 16.12 0.66 18.26
C ASP A 264 15.08 0.03 19.16
N LYS A 265 14.23 -0.85 18.62
CA LYS A 265 13.27 -1.52 19.50
C LYS A 265 13.77 -2.93 19.76
N CYS A 266 14.32 -3.13 20.95
CA CYS A 266 15.09 -4.33 21.25
C CYS A 266 14.25 -5.56 21.57
N GLY A 267 13.30 -5.40 22.48
CA GLY A 267 12.45 -6.50 22.91
C GLY A 267 11.63 -7.02 21.74
N GLU A 268 11.35 -6.14 20.78
CA GLU A 268 10.60 -6.52 19.60
C GLU A 268 11.48 -7.23 18.56
N ALA A 269 12.69 -6.72 18.35
CA ALA A 269 13.62 -7.38 17.43
C ALA A 269 13.89 -8.79 17.93
N ILE A 270 14.21 -8.91 19.22
CA ILE A 270 14.39 -10.19 19.87
C ILE A 270 13.19 -11.11 19.65
N ARG A 271 12.00 -10.55 19.78
CA ARG A 271 10.77 -11.32 19.65
C ARG A 271 10.50 -11.71 18.20
N SER A 272 10.87 -10.81 17.30
CA SER A 272 10.72 -11.06 15.87
C SER A 272 11.65 -12.19 15.44
N LEU A 273 12.88 -12.17 15.95
CA LEU A 273 13.87 -13.21 15.65
C LEU A 273 13.50 -14.57 16.23
N GLN A 274 12.95 -14.57 17.44
CA GLN A 274 12.52 -15.80 18.08
C GLN A 274 11.39 -16.47 17.31
N GLU A 275 10.53 -15.67 16.69
CA GLU A 275 9.43 -16.20 15.91
C GLU A 275 9.95 -16.71 14.57
N ALA A 276 10.96 -16.02 14.06
CA ALA A 276 11.59 -16.44 12.82
C ALA A 276 12.20 -17.83 13.03
N GLU A 277 13.04 -17.96 14.05
CA GLU A 277 13.67 -19.23 14.35
C GLU A 277 12.63 -20.30 14.69
N LYS A 278 11.61 -19.91 15.42
CA LYS A 278 10.53 -20.83 15.77
C LYS A 278 9.79 -21.38 14.55
N LEU A 279 9.43 -20.50 13.62
CA LEU A 279 8.75 -20.91 12.39
C LEU A 279 9.63 -21.76 11.48
N TYR A 280 10.94 -21.54 11.55
CA TYR A 280 11.85 -22.29 10.70
C TYR A 280 11.93 -23.74 11.19
N ALA A 281 11.97 -23.90 12.50
CA ALA A 281 11.93 -25.23 13.10
C ALA A 281 10.64 -25.92 12.73
N LYS A 282 9.55 -25.16 12.76
CA LYS A 282 8.25 -25.67 12.30
C LYS A 282 8.34 -26.12 10.85
N ALA A 283 8.99 -25.30 10.02
CA ALA A 283 9.12 -25.60 8.59
C ALA A 283 9.95 -26.86 8.37
N GLU A 284 10.95 -27.07 9.22
CA GLU A 284 11.77 -28.27 9.11
C GLU A 284 10.98 -29.53 9.48
N ALA A 285 10.12 -29.42 10.49
CA ALA A 285 9.26 -30.53 10.88
C ALA A 285 8.27 -30.86 9.77
N LEU A 286 7.71 -29.82 9.17
CA LEU A 286 6.80 -29.99 8.04
C LEU A 286 7.53 -30.65 6.87
N CYS A 287 8.75 -30.20 6.62
CA CYS A 287 9.55 -30.76 5.55
C CYS A 287 9.72 -32.27 5.76
N LYS A 288 9.78 -32.67 7.03
CA LYS A 288 9.86 -34.08 7.37
C LYS A 288 8.50 -34.74 7.14
N GLU A 289 7.44 -34.10 7.66
CA GLU A 289 6.08 -34.58 7.45
C GLU A 289 5.73 -34.61 5.96
N TYR A 290 6.40 -33.76 5.18
CA TYR A 290 6.18 -33.69 3.74
C TYR A 290 6.86 -34.86 3.03
N GLY A 291 8.11 -35.11 3.40
CA GLY A 291 8.87 -36.21 2.82
C GLY A 291 8.18 -37.54 3.05
N GLU A 292 7.40 -37.62 4.13
CA GLU A 292 6.75 -38.87 4.51
C GLU A 292 5.27 -38.98 4.07
N THR A 293 4.75 -37.97 3.38
CA THR A 293 3.38 -38.05 2.85
C THR A 293 3.41 -38.65 1.45
N LYS A 294 2.59 -39.68 1.23
CA LYS A 294 2.48 -40.28 -0.10
C LYS A 294 1.58 -39.42 -0.97
N GLY A 295 1.82 -39.45 -2.28
CA GLY A 295 1.01 -38.68 -3.20
C GLY A 295 1.69 -38.37 -4.52
N PRO A 296 1.02 -37.57 -5.36
CA PRO A 296 1.49 -37.22 -6.71
C PRO A 296 2.88 -36.60 -6.67
N GLY A 297 3.71 -36.97 -7.63
CA GLY A 297 4.99 -36.32 -7.81
C GLY A 297 5.98 -36.72 -6.76
N PRO A 298 7.28 -36.55 -7.08
CA PRO A 298 8.37 -36.85 -6.14
C PRO A 298 8.50 -35.79 -5.07
N THR A 299 9.12 -36.13 -3.96
CA THR A 299 9.44 -35.18 -2.91
C THR A 299 10.69 -34.39 -3.29
N VAL A 300 10.81 -33.17 -2.78
CA VAL A 300 11.99 -32.35 -3.02
C VAL A 300 12.62 -31.96 -1.67
N LYS A 301 13.90 -31.61 -1.67
CA LYS A 301 14.51 -31.13 -0.43
C LYS A 301 15.16 -29.76 -0.61
N PRO A 302 14.94 -28.88 0.37
CA PRO A 302 15.47 -27.50 0.39
C PRO A 302 17.00 -27.36 0.43
N SER A 303 17.62 -28.06 1.37
CA SER A 303 19.05 -27.93 1.61
C SER A 303 19.43 -26.45 1.67
N GLY A 304 20.60 -26.14 1.12
CA GLY A 304 20.87 -24.83 0.56
C GLY A 304 20.41 -23.61 1.32
N HIS A 305 20.47 -23.65 2.64
CA HIS A 305 19.99 -22.52 3.41
C HIS A 305 20.97 -21.34 3.33
N LEU A 306 20.45 -20.13 3.17
CA LEU A 306 21.18 -18.92 3.50
C LEU A 306 20.71 -18.37 4.86
N PHE A 307 19.73 -19.05 5.44
CA PHE A 307 18.87 -18.49 6.49
C PHE A 307 19.56 -18.18 7.84
N PHE A 308 20.27 -19.14 8.42
CA PHE A 308 21.04 -18.92 9.64
C PHE A 308 22.29 -18.07 9.38
N ARG A 309 22.70 -17.96 8.11
CA ARG A 309 23.69 -16.95 7.76
C ARG A 309 23.13 -15.64 8.31
N LYS A 310 22.04 -15.20 7.71
CA LYS A 310 21.39 -13.95 8.05
C LYS A 310 20.96 -13.96 9.51
N LEU A 311 20.40 -15.08 9.93
CA LEU A 311 19.86 -15.20 11.28
C LEU A 311 20.96 -15.12 12.34
N GLY A 312 22.02 -15.90 12.16
CA GLY A 312 23.14 -15.90 13.09
C GLY A 312 23.68 -14.49 13.32
N ASN A 313 23.68 -13.68 12.27
CA ASN A 313 24.22 -12.32 12.36
C ASN A 313 23.27 -11.35 13.03
N LEU A 314 21.98 -11.46 12.73
CA LEU A 314 20.99 -10.61 13.40
C LEU A 314 20.93 -10.94 14.87
N VAL A 315 20.99 -12.23 15.19
CA VAL A 315 20.98 -12.65 16.58
C VAL A 315 22.22 -12.09 17.28
N LYS A 316 23.35 -12.15 16.59
CA LYS A 316 24.61 -11.61 17.11
C LYS A 316 24.53 -10.08 17.32
N ASN A 317 23.99 -9.38 16.32
CA ASN A 317 23.91 -7.92 16.39
C ASN A 317 22.88 -7.43 17.39
N THR A 318 21.81 -8.21 17.53
CA THR A 318 20.73 -7.85 18.44
C THR A 318 21.20 -7.92 19.88
N LEU A 319 21.83 -9.04 20.23
CA LEU A 319 22.32 -9.24 21.59
C LEU A 319 23.43 -8.25 21.92
N GLU A 320 24.40 -8.13 21.03
CA GLU A 320 25.51 -7.21 21.24
C GLU A 320 24.97 -5.84 21.61
N LYS A 321 23.87 -5.46 20.97
CA LYS A 321 23.20 -4.19 21.23
C LYS A 321 22.25 -4.21 22.43
N CYS A 322 21.52 -5.32 22.61
CA CYS A 322 20.38 -5.35 23.52
C CYS A 322 20.54 -5.99 24.92
N GLN A 323 21.74 -6.47 25.27
CA GLN A 323 21.94 -7.06 26.61
C GLN A 323 21.49 -6.11 27.70
N ARG A 324 22.17 -4.97 27.84
CA ARG A 324 21.49 -3.71 28.06
C ARG A 324 20.29 -3.89 28.96
N GLU A 325 19.12 -3.58 28.38
CA GLU A 325 17.82 -3.67 29.04
C GLU A 325 17.08 -5.00 28.82
N ASN A 326 17.69 -5.95 28.11
CA ASN A 326 17.01 -7.20 27.76
C ASN A 326 17.70 -8.53 28.12
N GLY A 327 18.90 -8.75 27.57
CA GLY A 327 19.57 -10.04 27.65
C GLY A 327 20.06 -10.30 29.06
N PHE A 328 21.07 -11.18 29.23
CA PHE A 328 21.80 -11.85 28.16
C PHE A 328 21.15 -13.12 27.59
N ILE A 329 20.62 -13.96 28.46
CA ILE A 329 20.11 -15.27 28.04
C ILE A 329 18.65 -15.49 28.45
N TYR A 330 18.37 -15.40 29.75
CA TYR A 330 16.99 -15.38 30.21
C TYR A 330 16.48 -13.99 29.93
N PHE A 331 15.47 -13.89 29.06
CA PHE A 331 15.11 -12.60 28.49
C PHE A 331 13.94 -11.89 29.16
N GLN A 332 14.16 -10.61 29.43
CA GLN A 332 13.15 -9.69 29.89
C GLN A 332 13.59 -8.38 29.23
N LYS A 333 12.65 -7.56 28.76
CA LYS A 333 11.22 -7.78 28.88
C LYS A 333 10.67 -7.89 27.46
N ILE A 334 10.05 -9.02 27.15
CA ILE A 334 9.74 -9.35 25.76
C ILE A 334 8.24 -9.56 25.59
N PRO A 335 7.70 -9.02 24.48
CA PRO A 335 6.26 -9.16 24.19
C PRO A 335 5.86 -10.61 24.04
N THR A 336 4.78 -11.01 24.69
CA THR A 336 4.30 -12.38 24.59
C THR A 336 3.84 -12.71 23.17
N GLU A 337 3.15 -11.76 22.54
CA GLU A 337 2.72 -11.95 21.17
C GLU A 337 3.86 -11.61 20.21
N ALA A 338 3.97 -12.38 19.13
CA ALA A 338 4.90 -12.07 18.06
C ALA A 338 4.47 -10.77 17.41
N PRO A 339 5.43 -9.91 17.06
CA PRO A 339 5.03 -8.64 16.44
C PRO A 339 4.24 -8.93 15.17
N GLN A 340 3.04 -8.36 15.07
CA GLN A 340 2.16 -8.70 13.96
C GLN A 340 2.65 -8.03 12.68
N LEU A 341 2.66 -8.78 11.58
CA LEU A 341 3.15 -8.25 10.31
C LEU A 341 2.00 -7.91 9.39
N GLU A 342 1.74 -6.61 9.21
CA GLU A 342 1.04 -6.20 8.01
C GLU A 342 2.10 -5.41 7.26
N LEU A 343 2.65 -6.04 6.24
CA LEU A 343 3.76 -5.48 5.49
C LEU A 343 3.32 -5.46 4.06
N LYS A 344 3.65 -4.38 3.34
CA LYS A 344 3.10 -4.14 2.01
C LYS A 344 4.25 -4.05 1.02
N ALA A 345 4.20 -4.95 0.05
CA ALA A 345 5.28 -5.06 -0.91
C ALA A 345 5.09 -4.05 -2.03
N ASN A 346 6.04 -3.12 -2.16
CA ASN A 346 6.02 -2.16 -3.25
C ASN A 346 6.83 -2.68 -4.44
N TYR A 347 7.53 -3.79 -4.22
CA TYR A 347 8.42 -4.34 -5.23
C TYR A 347 8.44 -5.86 -5.22
N GLY A 348 8.38 -6.45 -6.41
CA GLY A 348 8.56 -7.89 -6.53
C GLY A 348 7.29 -8.67 -6.74
N LEU A 349 6.14 -8.03 -6.55
CA LEU A 349 4.88 -8.73 -6.71
C LEU A 349 4.65 -9.12 -8.17
N VAL A 350 4.35 -10.41 -8.38
CA VAL A 350 4.22 -10.96 -9.71
C VAL A 350 2.77 -11.17 -10.11
N GLU A 351 2.43 -10.73 -11.31
CA GLU A 351 1.10 -10.97 -11.88
C GLU A 351 1.26 -11.79 -13.15
N PRO A 352 0.29 -12.66 -13.43
CA PRO A 352 0.35 -13.58 -14.57
C PRO A 352 0.46 -12.83 -15.89
N ILE A 353 1.15 -13.42 -16.86
CA ILE A 353 1.18 -12.88 -18.21
C ILE A 353 -0.13 -13.24 -18.90
N PRO A 354 -0.87 -12.23 -19.35
CA PRO A 354 -2.19 -12.46 -19.94
C PRO A 354 -2.05 -13.33 -21.16
N PHE A 355 -2.84 -14.39 -21.25
CA PHE A 355 -2.71 -15.34 -22.35
C PHE A 355 -4.00 -15.55 -23.13
N GLU A 356 -3.85 -15.88 -24.40
CA GLU A 356 -4.99 -16.12 -25.28
C GLU A 356 -4.59 -17.19 -26.27
N PHE A 357 -5.55 -18.01 -26.67
CA PHE A 357 -5.30 -19.00 -27.70
C PHE A 357 -5.24 -18.32 -29.06
N PRO A 358 -4.46 -18.88 -29.99
CA PRO A 358 -4.43 -18.31 -31.34
C PRO A 358 -5.82 -18.30 -31.95
N PRO A 359 -6.11 -17.36 -32.86
CA PRO A 359 -7.38 -17.43 -33.58
C PRO A 359 -7.41 -18.69 -34.44
N THR A 360 -8.52 -18.89 -35.16
CA THR A 360 -8.66 -20.11 -35.94
C THR A 360 -7.70 -20.09 -37.11
N SER A 361 -7.08 -21.24 -37.38
CA SER A 361 -6.14 -21.36 -38.48
C SER A 361 -6.74 -20.87 -39.78
N VAL A 362 -5.90 -20.24 -40.60
CA VAL A 362 -6.32 -19.76 -41.92
C VAL A 362 -6.73 -20.93 -42.82
N GLN A 363 -6.33 -22.14 -42.43
CA GLN A 363 -6.75 -23.35 -43.13
C GLN A 363 -8.25 -23.58 -43.00
N TRP A 364 -8.89 -22.85 -42.09
CA TRP A 364 -10.32 -23.02 -41.81
C TRP A 364 -11.17 -22.05 -42.60
N THR A 365 -11.96 -22.60 -43.53
CA THR A 365 -12.88 -21.80 -44.32
C THR A 365 -14.25 -22.45 -44.33
N PRO A 366 -15.30 -21.64 -44.56
CA PRO A 366 -16.66 -22.20 -44.65
C PRO A 366 -16.72 -23.39 -45.59
N GLU A 367 -15.90 -23.37 -46.64
CA GLU A 367 -15.84 -24.47 -47.60
C GLU A 367 -15.21 -25.73 -47.04
N THR A 368 -14.00 -25.60 -46.51
CA THR A 368 -13.25 -26.73 -45.97
C THR A 368 -13.96 -27.30 -44.75
N LEU A 369 -14.78 -26.48 -44.13
CA LEU A 369 -15.61 -26.92 -43.03
C LEU A 369 -16.73 -27.79 -43.57
N ALA A 370 -17.39 -27.31 -44.63
CA ALA A 370 -18.51 -28.00 -45.26
C ALA A 370 -18.09 -29.34 -45.87
N ALA A 371 -16.80 -29.52 -46.06
CA ALA A 371 -16.26 -30.76 -46.62
C ALA A 371 -16.33 -31.89 -45.59
N PHE A 372 -16.69 -31.55 -44.36
CA PHE A 372 -16.86 -32.53 -43.30
C PHE A 372 -18.19 -33.29 -43.37
N ASP A 373 -19.29 -32.58 -43.57
CA ASP A 373 -20.56 -33.24 -43.87
C ASP A 373 -20.88 -34.39 -42.92
N LEU A 374 -21.29 -34.07 -41.70
CA LEU A 374 -21.69 -35.12 -40.77
C LEU A 374 -23.00 -35.74 -41.26
N THR A 375 -22.95 -37.05 -41.53
CA THR A 375 -24.04 -37.83 -42.15
C THR A 375 -23.51 -38.72 -43.27
N THR B 50 12.98 1.43 -17.17
CA THR B 50 11.69 1.03 -16.61
C THR B 50 11.46 1.70 -15.25
N LYS B 51 10.25 2.22 -15.05
CA LYS B 51 9.92 2.95 -13.83
C LYS B 51 8.55 2.52 -13.31
N ASN B 52 8.45 2.28 -12.00
CA ASN B 52 7.14 2.00 -11.41
C ASN B 52 6.29 3.27 -11.34
N LYS B 53 5.10 3.16 -10.77
CA LYS B 53 4.16 4.28 -10.76
C LYS B 53 4.75 5.53 -10.13
N ASP B 54 5.69 5.33 -9.20
CA ASP B 54 6.28 6.42 -8.45
C ASP B 54 7.51 7.05 -9.13
N GLY B 55 7.84 6.59 -10.33
CA GLY B 55 8.95 7.13 -11.07
C GLY B 55 10.32 6.58 -10.67
N VAL B 56 10.30 5.56 -9.84
CA VAL B 56 11.53 4.91 -9.41
C VAL B 56 11.95 3.87 -10.43
N LEU B 57 13.23 3.84 -10.79
CA LEU B 57 13.71 2.87 -11.76
C LEU B 57 13.72 1.44 -11.21
N VAL B 58 13.35 0.51 -12.09
CA VAL B 58 13.13 -0.87 -11.70
C VAL B 58 13.93 -1.79 -12.63
N ASP B 59 14.41 -2.91 -12.09
CA ASP B 59 15.02 -3.94 -12.93
C ASP B 59 13.93 -4.83 -13.50
N GLU B 60 14.33 -5.86 -14.23
CA GLU B 60 13.37 -6.77 -14.84
C GLU B 60 12.50 -7.50 -13.81
N PHE B 61 13.06 -7.72 -12.62
CA PHE B 61 12.36 -8.47 -11.58
C PHE B 61 11.39 -7.62 -10.77
N GLY B 62 11.36 -6.32 -11.06
CA GLY B 62 10.48 -5.42 -10.35
C GLY B 62 11.16 -4.82 -9.13
N LEU B 63 12.42 -5.18 -8.93
CA LEU B 63 13.21 -4.64 -7.82
C LEU B 63 13.79 -3.30 -8.25
N PRO B 64 14.08 -2.42 -7.29
CA PRO B 64 14.65 -1.13 -7.65
C PRO B 64 16.03 -1.33 -8.26
N GLN B 65 16.54 -0.32 -8.98
CA GLN B 65 17.90 -0.38 -9.49
C GLN B 65 18.89 0.24 -8.52
N ILE B 66 19.95 -0.51 -8.22
CA ILE B 66 20.99 -0.09 -7.26
C ILE B 66 21.79 1.14 -7.71
N THR C 1 -0.23 29.76 -5.71
CA THR C 1 -0.07 30.18 -4.31
C THR C 1 -1.03 29.41 -3.39
N HIS C 2 -0.50 28.96 -2.26
CA HIS C 2 -1.27 28.15 -1.32
C HIS C 2 -2.24 28.97 -0.48
N TRP C 3 -3.40 28.40 -0.19
CA TRP C 3 -4.45 29.09 0.56
C TRP C 3 -4.95 28.26 1.74
N PHE C 4 -4.69 28.74 2.95
CA PHE C 4 -5.05 28.00 4.16
C PHE C 4 -6.02 28.80 5.02
N HIS C 5 -7.17 28.21 5.31
CA HIS C 5 -8.15 28.83 6.19
C HIS C 5 -7.71 28.77 7.64
N ARG C 6 -7.85 29.89 8.35
CA ARG C 6 -7.42 29.97 9.74
C ARG C 6 -8.48 30.55 10.67
N ASN C 7 -8.93 29.74 11.63
CA ASN C 7 -9.73 30.24 12.74
C ASN C 7 -8.84 31.11 13.61
N PRO C 8 -9.45 32.07 14.34
CA PRO C 8 -8.67 33.06 15.08
C PRO C 8 -7.91 32.47 16.29
N LEU C 9 -6.92 33.21 16.77
CA LEU C 9 -6.15 32.81 17.95
C LEU C 9 -7.04 32.84 19.18
N LYS C 10 -6.63 32.14 20.23
CA LYS C 10 -7.32 32.21 21.51
C LYS C 10 -6.80 33.39 22.34
N ALA C 11 -7.71 34.11 22.99
CA ALA C 11 -7.33 35.18 23.89
C ALA C 11 -7.54 34.76 25.34
N THR C 12 -6.66 35.21 26.21
CA THR C 12 -6.72 34.76 27.59
C THR C 12 -6.69 35.95 28.54
N ALA C 13 -7.29 35.77 29.71
CA ALA C 13 -7.25 36.80 30.73
C ALA C 13 -5.83 36.93 31.26
N PRO C 14 -5.36 38.17 31.46
CA PRO C 14 -4.05 38.47 32.03
C PRO C 14 -3.89 37.86 33.42
N VAL C 15 -2.74 37.26 33.68
CA VAL C 15 -2.46 36.69 35.01
C VAL C 15 -1.27 37.38 35.66
N SER C 16 -1.47 37.91 36.86
CA SER C 16 -0.40 38.57 37.60
C SER C 16 0.46 37.56 38.33
N PHE C 17 -0.17 36.50 38.81
CA PHE C 17 0.49 35.55 39.70
C PHE C 17 0.85 36.23 41.01
N ASN C 18 0.01 37.17 41.45
CA ASN C 18 0.20 37.82 42.74
C ASN C 18 -0.66 37.14 43.80
N TYR C 19 0.00 36.43 44.72
CA TYR C 19 -0.70 35.66 45.75
C TYR C 19 -0.74 36.28 47.16
N TYR C 20 -0.18 37.47 47.31
CA TYR C 20 -0.21 38.17 48.59
C TYR C 20 0.26 37.29 49.75
N GLY C 21 -0.62 37.12 50.75
CA GLY C 21 -0.27 36.37 51.95
C GLY C 21 0.28 34.99 51.67
N VAL C 22 -0.30 34.32 50.69
CA VAL C 22 0.13 32.99 50.29
C VAL C 22 1.64 32.94 50.03
N VAL C 23 2.18 34.04 49.51
CA VAL C 23 3.59 34.09 49.12
C VAL C 23 4.48 34.66 50.23
N THR C 24 5.47 33.87 50.63
CA THR C 24 6.40 34.27 51.68
C THR C 24 7.85 34.04 51.23
N GLY C 25 8.63 35.12 51.15
CA GLY C 25 10.04 34.99 50.79
C GLY C 25 10.38 35.47 49.40
N PRO C 26 11.65 35.80 49.18
CA PRO C 26 12.24 36.36 47.95
C PRO C 26 12.17 35.42 46.75
N SER C 27 12.41 34.13 46.99
CA SER C 27 12.43 33.15 45.90
C SER C 27 11.06 32.90 45.30
N ALA C 28 10.06 32.69 46.15
CA ALA C 28 8.69 32.50 45.69
C ALA C 28 8.18 33.79 45.05
N SER C 29 8.62 34.92 45.59
CA SER C 29 8.24 36.21 45.06
C SER C 29 8.83 36.39 43.66
N LYS C 30 10.05 35.90 43.47
CA LYS C 30 10.76 36.09 42.20
C LYS C 30 10.27 35.15 41.12
N ILE C 31 9.84 33.96 41.52
CA ILE C 31 9.39 32.95 40.56
C ILE C 31 7.98 33.27 40.07
N CYS C 32 7.24 34.05 40.85
CA CYS C 32 5.92 34.50 40.45
C CYS C 32 6.04 35.67 39.46
N ASN C 33 7.09 36.47 39.63
CA ASN C 33 7.34 37.58 38.72
C ASN C 33 7.76 37.08 37.34
N ASP C 34 8.50 35.99 37.32
CA ASP C 34 9.00 35.41 36.07
C ASP C 34 7.88 34.70 35.32
N LEU C 35 7.01 34.03 36.08
CA LEU C 35 5.80 33.46 35.50
C LEU C 35 5.03 34.57 34.79
N ARG C 36 4.77 35.66 35.52
CA ARG C 36 3.99 36.77 35.00
C ARG C 36 4.61 37.38 33.75
N SER C 37 5.93 37.54 33.76
CA SER C 37 6.61 38.19 32.65
C SER C 37 6.80 37.25 31.46
N SER C 38 7.17 36.01 31.74
CA SER C 38 7.36 35.02 30.67
C SER C 38 6.04 34.75 29.96
N ARG C 39 4.93 34.85 30.69
CA ARG C 39 3.63 34.67 30.10
C ARG C 39 3.24 35.88 29.26
N ALA C 40 3.41 37.07 29.82
CA ALA C 40 3.10 38.31 29.12
C ALA C 40 3.88 38.43 27.81
N ARG C 41 5.12 37.96 27.82
CA ARG C 41 5.96 38.00 26.63
C ARG C 41 5.41 37.06 25.55
N LEU C 42 5.23 35.80 25.92
CA LEU C 42 4.68 34.80 25.02
C LEU C 42 3.39 35.28 24.38
N LEU C 43 2.56 35.95 25.18
CA LEU C 43 1.29 36.46 24.67
C LEU C 43 1.48 37.61 23.69
N GLU C 44 2.41 38.51 23.98
CA GLU C 44 2.68 39.62 23.08
C GLU C 44 3.13 39.11 21.73
N LEU C 45 3.87 38.00 21.75
CA LEU C 45 4.47 37.44 20.55
C LEU C 45 3.46 36.89 19.55
N PHE C 46 2.39 36.29 20.07
CA PHE C 46 1.39 35.66 19.21
C PHE C 46 0.96 36.62 18.11
N THR C 47 0.82 37.89 18.45
CA THR C 47 0.38 38.89 17.50
C THR C 47 1.52 39.68 16.84
N ASP C 48 2.75 39.28 17.14
CA ASP C 48 3.91 39.93 16.52
C ASP C 48 4.20 39.29 15.16
N LEU C 49 4.09 40.11 14.11
CA LEU C 49 4.31 39.62 12.75
C LEU C 49 5.81 39.52 12.46
N SER C 50 6.60 40.11 13.34
CA SER C 50 8.06 40.04 13.23
C SER C 50 8.60 38.84 13.99
N CYS C 51 7.68 38.04 14.55
CA CYS C 51 8.06 36.85 15.30
C CYS C 51 8.27 35.64 14.39
N ASN C 52 9.36 34.91 14.63
CA ASN C 52 9.64 33.70 13.88
C ASN C 52 9.71 32.49 14.82
N PRO C 53 9.86 31.29 14.24
CA PRO C 53 9.78 30.06 15.04
C PRO C 53 10.85 29.94 16.13
N GLU C 54 11.99 30.61 15.96
CA GLU C 54 13.03 30.55 16.98
C GLU C 54 12.65 31.44 18.16
N MET C 55 11.97 32.54 17.88
CA MET C 55 11.51 33.43 18.94
C MET C 55 10.42 32.77 19.77
N MET C 56 9.41 32.25 19.09
CA MET C 56 8.28 31.61 19.76
C MET C 56 8.75 30.46 20.62
N LYS C 57 9.56 29.59 20.03
CA LYS C 57 10.12 28.45 20.74
C LYS C 57 10.75 28.88 22.06
N ASN C 58 11.57 29.91 22.02
CA ASN C 58 12.23 30.44 23.22
C ASN C 58 11.25 30.95 24.26
N ALA C 59 10.29 31.77 23.83
CA ALA C 59 9.29 32.28 24.75
C ALA C 59 8.43 31.16 25.34
N ALA C 60 8.12 30.18 24.51
CA ALA C 60 7.29 29.06 24.92
C ALA C 60 7.97 28.18 25.98
N ASP C 61 9.24 27.86 25.75
CA ASP C 61 9.99 27.04 26.71
C ASP C 61 10.11 27.71 28.06
N SER C 62 10.40 29.01 28.06
CA SER C 62 10.52 29.76 29.31
C SER C 62 9.27 29.64 30.14
N TYR C 63 8.15 30.03 29.55
CA TYR C 63 6.89 29.99 30.26
C TYR C 63 6.52 28.58 30.72
N PHE C 64 6.59 27.62 29.80
CA PHE C 64 6.18 26.26 30.12
C PHE C 64 7.09 25.53 31.10
N SER C 65 8.35 25.93 31.17
CA SER C 65 9.25 25.33 32.13
C SER C 65 8.95 25.87 33.52
N LEU C 66 8.43 27.09 33.59
CA LEU C 66 7.98 27.67 34.85
C LEU C 66 6.61 27.17 35.24
N LEU C 67 5.69 27.15 34.28
CA LEU C 67 4.30 26.80 34.52
C LEU C 67 4.16 25.42 35.15
N GLN C 68 5.02 24.50 34.73
CA GLN C 68 4.94 23.10 35.18
C GLN C 68 5.30 22.91 36.65
N GLY C 69 5.81 23.96 37.28
CA GLY C 69 5.98 23.97 38.71
C GLY C 69 4.61 23.90 39.38
N PHE C 70 3.59 24.38 38.66
CA PHE C 70 2.22 24.36 39.16
C PHE C 70 1.56 23.02 38.88
N ILE C 71 2.24 22.18 38.10
CA ILE C 71 1.64 20.94 37.62
C ILE C 71 2.32 19.68 38.16
N ASN C 72 3.61 19.52 37.86
CA ASN C 72 4.36 18.34 38.29
C ASN C 72 5.03 18.45 39.65
N SER C 73 5.05 17.34 40.39
CA SER C 73 5.82 17.24 41.63
C SER C 73 7.32 17.28 41.31
N LEU C 74 8.10 17.92 42.17
CA LEU C 74 9.53 18.09 41.94
C LEU C 74 10.30 16.80 42.16
N ASP C 75 10.38 16.39 43.43
CA ASP C 75 11.24 15.29 43.85
C ASP C 75 10.55 13.92 43.78
N GLU C 76 9.39 13.89 43.15
CA GLU C 76 8.43 12.81 43.28
C GLU C 76 7.93 12.84 44.72
N SER C 77 7.83 11.70 45.37
CA SER C 77 7.36 11.66 46.77
C SER C 77 5.91 12.14 46.88
N THR C 78 5.38 12.70 45.80
CA THR C 78 3.98 13.13 45.75
C THR C 78 3.44 13.03 44.32
N GLN C 79 2.16 13.31 44.13
CA GLN C 79 1.55 13.11 42.82
C GLN C 79 1.76 14.30 41.88
N GLU C 80 1.08 15.39 42.17
CA GLU C 80 1.16 16.58 41.34
C GLU C 80 1.67 17.75 42.18
N SER C 81 1.74 18.92 41.56
CA SER C 81 2.10 20.12 42.30
C SER C 81 0.93 20.57 43.20
N LYS C 82 1.25 20.91 44.44
CA LYS C 82 0.25 21.40 45.38
C LYS C 82 -0.34 22.73 44.91
N LEU C 83 0.26 23.29 43.86
CA LEU C 83 -0.14 24.59 43.33
C LEU C 83 -1.08 24.53 42.12
N ARG C 84 -1.45 23.32 41.71
CA ARG C 84 -2.19 23.15 40.46
C ARG C 84 -3.50 23.92 40.39
N TYR C 85 -4.23 23.93 41.50
CA TYR C 85 -5.54 24.57 41.55
C TYR C 85 -5.49 26.00 42.12
N ILE C 86 -4.29 26.52 42.32
CA ILE C 86 -4.10 27.83 42.93
C ILE C 86 -4.65 29.00 42.09
N GLN C 87 -4.57 28.89 40.76
CA GLN C 87 -4.93 30.00 39.90
C GLN C 87 -6.07 29.67 38.94
N ASN C 88 -6.94 30.65 38.71
CA ASN C 88 -8.03 30.52 37.76
C ASN C 88 -7.62 31.07 36.38
N PHE C 89 -7.72 30.23 35.37
CA PHE C 89 -7.34 30.64 34.01
C PHE C 89 -8.56 30.74 33.09
N LYS C 90 -8.54 31.73 32.20
CA LYS C 90 -9.68 32.01 31.33
C LYS C 90 -9.24 32.21 29.87
N TRP C 91 -9.79 31.40 28.98
CA TRP C 91 -9.41 31.42 27.57
C TRP C 91 -10.62 31.40 26.65
N THR C 92 -10.57 32.15 25.56
CA THR C 92 -11.61 32.04 24.54
C THR C 92 -11.31 30.84 23.64
N ASP C 93 -12.20 30.56 22.69
CA ASP C 93 -12.01 29.42 21.82
C ASP C 93 -12.10 29.84 20.36
N THR C 94 -11.50 29.04 19.49
CA THR C 94 -11.41 29.37 18.08
C THR C 94 -12.77 29.45 17.38
N LEU C 95 -13.68 28.56 17.75
CA LEU C 95 -15.00 28.56 17.13
C LEU C 95 -16.06 29.35 17.91
N GLN C 96 -15.72 29.75 19.13
CA GLN C 96 -16.73 30.28 20.06
C GLN C 96 -16.83 31.81 20.18
N GLY C 97 -16.05 32.54 19.40
CA GLY C 97 -16.11 34.00 19.44
C GLY C 97 -15.72 34.60 20.78
N GLN C 98 -16.57 35.47 21.30
CA GLN C 98 -16.27 36.23 22.53
C GLN C 98 -16.71 35.52 23.81
N VAL C 99 -17.19 34.29 23.68
CA VAL C 99 -17.64 33.51 24.84
C VAL C 99 -16.50 32.65 25.37
N PRO C 100 -15.93 33.05 26.51
CA PRO C 100 -14.77 32.35 27.07
C PRO C 100 -15.17 31.13 27.90
N SER C 101 -14.16 30.47 28.47
CA SER C 101 -14.35 29.31 29.31
C SER C 101 -13.27 29.37 30.38
N ALA C 102 -13.60 28.99 31.60
CA ALA C 102 -12.65 29.13 32.69
C ALA C 102 -12.57 27.88 33.57
N GLN C 103 -11.34 27.48 33.87
CA GLN C 103 -11.10 26.43 34.85
C GLN C 103 -10.01 26.91 35.80
N GLN C 104 -10.10 26.54 37.07
CA GLN C 104 -8.97 26.81 37.92
C GLN C 104 -8.18 25.51 38.05
N ASP C 105 -7.24 25.39 37.13
CA ASP C 105 -6.36 24.24 37.03
C ASP C 105 -5.19 24.74 36.20
N ALA C 106 -3.98 24.28 36.50
CA ALA C 106 -2.82 24.74 35.73
C ALA C 106 -2.76 23.99 34.40
N VAL C 107 -3.36 22.80 34.37
CA VAL C 107 -3.34 21.95 33.19
C VAL C 107 -4.21 22.54 32.10
N PHE C 108 -5.33 23.13 32.50
CA PHE C 108 -6.17 23.88 31.58
C PHE C 108 -5.34 24.95 30.89
N GLU C 109 -4.53 25.66 31.67
CA GLU C 109 -3.68 26.73 31.16
C GLU C 109 -2.58 26.19 30.25
N LEU C 110 -1.90 25.15 30.73
CA LEU C 110 -0.89 24.46 29.95
C LEU C 110 -1.43 24.10 28.58
N ILE C 111 -2.45 23.24 28.57
CA ILE C 111 -3.09 22.82 27.33
C ILE C 111 -3.54 23.99 26.48
N SER C 112 -4.30 24.90 27.07
CA SER C 112 -4.81 26.05 26.31
C SER C 112 -3.70 26.87 25.67
N MET C 113 -2.62 27.09 26.42
CA MET C 113 -1.51 27.87 25.90
C MET C 113 -0.74 27.07 24.84
N GLY C 114 -0.59 25.77 25.08
CA GLY C 114 0.05 24.90 24.11
C GLY C 114 -0.77 24.84 22.84
N PHE C 115 -2.08 25.00 22.98
CA PHE C 115 -2.97 24.94 21.83
C PHE C 115 -2.75 26.18 20.98
N ASN C 116 -2.42 27.28 21.64
CA ASN C 116 -2.20 28.54 20.93
C ASN C 116 -0.85 28.62 20.21
N VAL C 117 0.21 28.09 20.84
CA VAL C 117 1.50 28.03 20.18
C VAL C 117 1.37 27.22 18.89
N ALA C 118 0.75 26.04 18.98
CA ALA C 118 0.56 25.19 17.82
C ALA C 118 -0.26 25.93 16.75
N LEU C 119 -1.30 26.63 17.17
CA LEU C 119 -2.06 27.47 16.26
C LEU C 119 -1.15 28.50 15.62
N TRP C 120 -0.35 29.18 16.44
CA TRP C 120 0.57 30.19 15.93
C TRP C 120 1.48 29.60 14.85
N TYR C 121 1.88 28.35 15.03
CA TYR C 121 2.73 27.71 14.04
C TYR C 121 2.02 27.54 12.70
N THR C 122 0.76 27.08 12.74
CA THR C 122 0.01 26.92 11.50
C THR C 122 -0.24 28.28 10.85
N LYS C 123 -0.28 29.31 11.66
CA LYS C 123 -0.54 30.66 11.15
C LYS C 123 0.71 31.27 10.54
N TYR C 124 1.84 31.07 11.20
CA TYR C 124 3.11 31.49 10.66
C TYR C 124 3.31 30.77 9.33
N ALA C 125 2.80 29.55 9.25
CA ALA C 125 2.93 28.74 8.04
C ALA C 125 2.13 29.31 6.86
N SER C 126 0.91 29.76 7.11
CA SER C 126 0.07 30.21 6.00
C SER C 126 0.43 31.61 5.52
N ARG C 127 0.95 32.45 6.42
CA ARG C 127 1.46 33.76 6.04
C ARG C 127 2.57 33.60 5.00
N LEU C 128 3.57 32.82 5.36
CA LEU C 128 4.71 32.55 4.48
C LEU C 128 4.25 31.87 3.20
N ALA C 129 3.49 30.79 3.35
CA ALA C 129 3.00 30.00 2.23
C ALA C 129 2.20 30.85 1.25
N GLY C 130 1.65 31.96 1.75
CA GLY C 130 0.85 32.85 0.94
C GLY C 130 1.68 33.74 0.04
N LYS C 131 2.95 33.90 0.37
CA LYS C 131 3.87 34.73 -0.42
C LYS C 131 4.04 34.20 -1.84
N GLU C 132 4.16 35.12 -2.80
CA GLU C 132 4.25 34.73 -4.21
C GLU C 132 5.57 34.06 -4.58
N ASN C 133 6.69 34.73 -4.32
CA ASN C 133 8.01 34.20 -4.69
C ASN C 133 8.34 32.84 -4.07
N ILE C 134 8.42 32.79 -2.74
CA ILE C 134 8.47 31.50 -2.04
C ILE C 134 9.63 30.58 -2.46
N THR C 135 10.81 30.83 -1.91
CA THR C 135 11.98 30.02 -2.24
C THR C 135 11.80 28.59 -1.73
N GLU C 136 12.79 27.72 -1.97
CA GLU C 136 12.65 26.33 -1.57
C GLU C 136 12.88 26.13 -0.08
N ASP C 137 13.72 26.96 0.52
CA ASP C 137 13.94 26.87 1.96
C ASP C 137 12.92 27.69 2.73
N GLU C 138 12.09 28.44 2.01
CA GLU C 138 10.86 29.01 2.59
C GLU C 138 9.74 27.96 2.60
N ALA C 139 9.68 27.13 1.56
CA ALA C 139 8.70 26.06 1.51
C ALA C 139 8.97 24.99 2.57
N LYS C 140 10.24 24.67 2.79
CA LYS C 140 10.63 23.76 3.86
C LYS C 140 10.13 24.28 5.20
N GLU C 141 10.28 25.58 5.40
CA GLU C 141 9.86 26.24 6.64
C GLU C 141 8.36 26.06 6.86
N VAL C 142 7.57 26.36 5.83
CA VAL C 142 6.12 26.18 5.90
C VAL C 142 5.77 24.73 6.23
N HIS C 143 6.43 23.81 5.55
CA HIS C 143 6.19 22.39 5.70
C HIS C 143 6.50 21.94 7.11
N ARG C 144 7.65 22.39 7.62
CA ARG C 144 8.12 21.99 8.93
C ARG C 144 7.22 22.53 10.03
N SER C 145 6.72 23.75 9.85
CA SER C 145 5.88 24.38 10.85
C SER C 145 4.54 23.66 11.01
N LEU C 146 3.96 23.26 9.89
CA LEU C 146 2.73 22.47 9.91
C LEU C 146 2.97 21.15 10.64
N LYS C 147 4.14 20.57 10.43
CA LYS C 147 4.49 19.32 11.08
C LYS C 147 4.68 19.49 12.59
N ILE C 148 5.32 20.57 13.01
CA ILE C 148 5.46 20.85 14.42
C ILE C 148 4.10 21.07 15.06
N ALA C 149 3.30 21.94 14.45
CA ALA C 149 1.96 22.20 14.94
C ALA C 149 1.22 20.90 15.15
N ALA C 150 1.19 20.07 14.11
CA ALA C 150 0.55 18.75 14.20
C ALA C 150 1.04 17.97 15.42
N GLY C 151 2.36 17.89 15.58
CA GLY C 151 2.94 17.16 16.69
C GLY C 151 2.50 17.66 18.06
N ILE C 152 2.31 18.97 18.18
CA ILE C 152 1.87 19.56 19.43
C ILE C 152 0.41 19.22 19.75
N PHE C 153 -0.48 19.48 18.80
CA PHE C 153 -1.88 19.15 18.95
C PHE C 153 -2.01 17.70 19.41
N LYS C 154 -1.29 16.81 18.74
CA LYS C 154 -1.31 15.39 19.07
C LYS C 154 -0.86 15.13 20.50
N HIS C 155 0.23 15.78 20.90
CA HIS C 155 0.73 15.58 22.26
C HIS C 155 -0.26 16.09 23.27
N LEU C 156 -0.76 17.31 23.07
CA LEU C 156 -1.79 17.84 23.95
C LEU C 156 -2.93 16.84 24.10
N LYS C 157 -3.44 16.37 22.97
CA LYS C 157 -4.56 15.42 22.96
C LYS C 157 -4.29 14.16 23.76
N GLU C 158 -3.22 13.44 23.41
CA GLU C 158 -2.97 12.10 23.93
C GLU C 158 -2.50 12.10 25.38
N SER C 159 -1.50 12.92 25.65
CA SER C 159 -0.81 12.88 26.94
C SER C 159 -1.31 13.91 27.95
N HIS C 160 -2.30 14.71 27.56
CA HIS C 160 -2.72 15.81 28.42
C HIS C 160 -4.22 15.89 28.74
N LEU C 161 -5.05 16.00 27.71
CA LEU C 161 -6.49 16.09 27.93
C LEU C 161 -6.97 15.18 29.07
N PRO C 162 -6.53 13.90 29.07
CA PRO C 162 -6.97 12.97 30.11
C PRO C 162 -6.86 13.56 31.52
N LYS C 163 -5.78 14.30 31.76
CA LYS C 163 -5.51 14.84 33.09
C LYS C 163 -6.52 15.90 33.56
N LEU C 164 -7.21 16.54 32.62
CA LEU C 164 -8.23 17.54 32.96
C LEU C 164 -9.36 16.94 33.81
N ILE C 165 -9.69 17.64 34.90
CA ILE C 165 -10.71 17.16 35.82
C ILE C 165 -12.15 17.40 35.32
N THR C 166 -12.40 18.58 34.75
CA THR C 166 -13.67 18.82 34.07
C THR C 166 -13.54 18.75 32.55
N PRO C 167 -14.42 17.95 31.91
CA PRO C 167 -14.41 17.73 30.46
C PRO C 167 -14.84 18.99 29.70
N ALA C 168 -14.15 19.28 28.60
CA ALA C 168 -14.47 20.44 27.78
C ALA C 168 -15.79 20.26 27.03
N GLU C 169 -16.52 21.35 26.87
CA GLU C 169 -17.79 21.33 26.18
C GLU C 169 -17.56 21.04 24.70
N LYS C 170 -18.60 20.60 24.01
CA LYS C 170 -18.52 20.50 22.55
C LYS C 170 -18.41 21.89 21.91
N GLY C 171 -17.56 21.99 20.89
CA GLY C 171 -17.31 23.27 20.25
C GLY C 171 -16.07 23.94 20.81
N ARG C 172 -15.64 23.48 21.98
CA ARG C 172 -14.44 23.97 22.64
C ARG C 172 -13.19 23.31 22.08
N ASP C 173 -12.09 24.05 22.06
CA ASP C 173 -10.82 23.55 21.54
C ASP C 173 -10.28 22.34 22.31
N LEU C 174 -10.62 22.25 23.59
CA LEU C 174 -10.02 21.26 24.48
C LEU C 174 -10.75 19.93 24.49
N GLU C 175 -11.71 19.75 23.59
CA GLU C 175 -12.38 18.46 23.42
C GLU C 175 -11.67 17.63 22.34
N SER C 176 -11.62 16.32 22.54
CA SER C 176 -10.76 15.44 21.76
C SER C 176 -11.01 15.43 20.25
N ARG C 177 -12.28 15.42 19.85
CA ARG C 177 -12.60 15.34 18.42
C ARG C 177 -12.14 16.57 17.64
N LEU C 178 -12.26 17.75 18.25
CA LEU C 178 -11.80 18.96 17.60
C LEU C 178 -10.30 18.91 17.39
N ILE C 179 -9.54 18.69 18.46
CA ILE C 179 -8.09 18.64 18.36
C ILE C 179 -7.64 17.67 17.27
N GLU C 180 -8.24 16.49 17.24
CA GLU C 180 -7.92 15.51 16.19
C GLU C 180 -8.07 16.12 14.80
N ALA C 181 -9.07 16.99 14.62
CA ALA C 181 -9.30 17.62 13.32
C ALA C 181 -8.19 18.60 12.93
N TYR C 182 -7.66 19.32 13.90
CA TYR C 182 -6.53 20.21 13.61
C TYR C 182 -5.32 19.39 13.18
N VAL C 183 -5.09 18.28 13.86
CA VAL C 183 -3.96 17.41 13.55
C VAL C 183 -4.03 17.02 12.08
N ILE C 184 -5.20 16.56 11.65
CA ILE C 184 -5.40 16.11 10.27
C ILE C 184 -5.25 17.23 9.24
N GLN C 185 -5.78 18.40 9.54
CA GLN C 185 -5.67 19.55 8.65
C GLN C 185 -4.22 20.03 8.53
N CYS C 186 -3.47 19.91 9.62
CA CYS C 186 -2.05 20.25 9.60
C CYS C 186 -1.29 19.31 8.66
N GLN C 187 -1.65 18.03 8.72
CA GLN C 187 -1.03 17.03 7.86
C GLN C 187 -1.42 17.25 6.42
N ALA C 188 -2.72 17.42 6.19
CA ALA C 188 -3.24 17.62 4.84
C ALA C 188 -2.63 18.86 4.20
N GLU C 189 -2.39 19.89 5.00
CA GLU C 189 -1.83 21.13 4.47
C GLU C 189 -0.33 21.03 4.15
N ALA C 190 0.41 20.26 4.92
CA ALA C 190 1.82 20.03 4.62
C ALA C 190 1.99 19.29 3.30
N GLN C 191 1.07 18.39 3.01
CA GLN C 191 1.11 17.63 1.77
C GLN C 191 0.70 18.47 0.57
N GLU C 192 -0.09 19.51 0.78
CA GLU C 192 -0.37 20.45 -0.29
C GLU C 192 0.94 21.04 -0.77
N VAL C 193 1.86 21.27 0.17
CA VAL C 193 3.17 21.82 -0.12
C VAL C 193 4.02 20.82 -0.90
N THR C 194 4.01 19.58 -0.42
CA THR C 194 4.73 18.51 -1.09
C THR C 194 4.18 18.31 -2.50
N ILE C 195 2.86 18.42 -2.64
CA ILE C 195 2.21 18.31 -3.95
C ILE C 195 2.62 19.44 -4.90
N ALA C 196 2.81 20.64 -4.36
CA ALA C 196 3.26 21.76 -5.19
C ALA C 196 4.67 21.49 -5.67
N ARG C 197 5.45 20.83 -4.83
CA ARG C 197 6.83 20.50 -5.16
C ARG C 197 6.94 19.35 -6.18
N ALA C 198 6.22 18.27 -5.92
CA ALA C 198 6.18 17.13 -6.83
C ALA C 198 5.80 17.53 -8.26
N ILE C 199 4.95 18.56 -8.37
CA ILE C 199 4.49 19.03 -9.67
C ILE C 199 5.54 19.90 -10.36
N GLU C 200 6.12 20.83 -9.61
CA GLU C 200 7.14 21.70 -10.17
C GLU C 200 8.37 20.89 -10.56
N LEU C 201 8.66 19.85 -9.77
CA LEU C 201 9.82 18.99 -10.01
C LEU C 201 9.54 17.93 -11.07
N LYS C 202 8.31 17.92 -11.57
CA LYS C 202 7.95 16.96 -12.61
C LYS C 202 8.17 15.52 -12.18
N HIS C 203 7.57 15.14 -11.04
CA HIS C 203 7.61 13.75 -10.60
C HIS C 203 6.54 12.94 -11.34
N ALA C 204 6.52 11.64 -11.10
CA ALA C 204 5.63 10.75 -11.83
C ALA C 204 4.16 11.06 -11.58
N PRO C 205 3.31 10.90 -12.60
CA PRO C 205 1.88 11.21 -12.48
C PRO C 205 1.22 10.30 -11.43
N GLY C 206 1.72 9.08 -11.32
CA GLY C 206 1.17 8.13 -10.38
C GLY C 206 1.44 8.56 -8.95
N LEU C 207 2.61 9.15 -8.75
CA LEU C 207 2.99 9.61 -7.42
C LEU C 207 2.16 10.83 -7.04
N ILE C 208 1.97 11.74 -7.99
CA ILE C 208 1.21 12.95 -7.71
C ILE C 208 -0.27 12.67 -7.52
N ALA C 209 -0.81 11.76 -8.33
CA ALA C 209 -2.21 11.36 -8.20
C ALA C 209 -2.48 10.68 -6.85
N ALA C 210 -1.55 9.83 -6.41
CA ALA C 210 -1.72 9.14 -5.15
C ALA C 210 -1.71 10.13 -3.99
N LEU C 211 -0.73 11.02 -3.98
CA LEU C 211 -0.63 12.03 -2.93
C LEU C 211 -1.83 12.98 -2.94
N ALA C 212 -2.30 13.32 -4.14
CA ALA C 212 -3.47 14.19 -4.28
C ALA C 212 -4.72 13.53 -3.71
N TYR C 213 -4.88 12.24 -3.98
CA TYR C 213 -6.02 11.49 -3.47
C TYR C 213 -5.94 11.29 -1.95
N GLU C 214 -4.75 11.01 -1.44
CA GLU C 214 -4.56 10.85 0.00
C GLU C 214 -4.89 12.15 0.74
N THR C 215 -4.52 13.28 0.15
CA THR C 215 -4.80 14.58 0.76
C THR C 215 -6.30 14.86 0.86
N ALA C 216 -7.03 14.57 -0.22
CA ALA C 216 -8.48 14.71 -0.20
C ALA C 216 -9.11 13.88 0.92
N ASN C 217 -8.62 12.66 1.12
CA ASN C 217 -9.10 11.81 2.22
C ASN C 217 -8.91 12.44 3.60
N PHE C 218 -7.77 13.08 3.80
CA PHE C 218 -7.50 13.74 5.07
C PHE C 218 -8.52 14.85 5.30
N TYR C 219 -8.89 15.57 4.24
CA TYR C 219 -9.91 16.58 4.36
C TYR C 219 -11.30 15.98 4.63
N GLN C 220 -11.57 14.81 4.08
CA GLN C 220 -12.85 14.16 4.31
C GLN C 220 -12.95 13.59 5.73
N LYS C 221 -11.81 13.21 6.30
CA LYS C 221 -11.78 12.69 7.66
C LYS C 221 -11.90 13.82 8.69
N ALA C 222 -11.22 14.93 8.43
CA ALA C 222 -11.35 16.11 9.27
C ALA C 222 -12.80 16.58 9.25
N ASP C 223 -13.37 16.61 8.05
CA ASP C 223 -14.75 17.04 7.87
C ASP C 223 -15.73 16.10 8.59
N HIS C 224 -15.49 14.80 8.49
CA HIS C 224 -16.33 13.84 9.19
C HIS C 224 -16.12 13.86 10.70
N THR C 225 -14.97 14.34 11.13
CA THR C 225 -14.70 14.46 12.56
C THR C 225 -15.48 15.64 13.15
N LEU C 226 -15.50 16.74 12.40
CA LEU C 226 -16.21 17.96 12.80
C LEU C 226 -17.71 17.81 12.56
N SER C 227 -18.10 16.69 11.95
CA SER C 227 -19.50 16.47 11.60
C SER C 227 -20.43 16.41 12.80
N SER C 228 -19.92 15.96 13.94
CA SER C 228 -20.76 15.79 15.13
C SER C 228 -20.95 17.08 15.92
N LEU C 229 -20.39 18.18 15.43
CA LEU C 229 -20.51 19.44 16.14
C LEU C 229 -21.70 20.26 15.67
N GLU C 230 -21.93 21.38 16.34
CA GLU C 230 -23.07 22.24 16.04
C GLU C 230 -22.76 23.11 14.83
N PRO C 231 -23.52 22.91 13.74
CA PRO C 231 -23.34 23.63 12.47
C PRO C 231 -23.18 25.14 12.66
N ALA C 232 -23.79 25.68 13.71
CA ALA C 232 -23.66 27.10 14.00
C ALA C 232 -22.20 27.53 13.88
N TYR C 233 -21.35 27.00 14.75
CA TYR C 233 -19.95 27.40 14.78
C TYR C 233 -19.05 26.72 13.74
N SER C 234 -19.34 25.47 13.41
CA SER C 234 -18.48 24.69 12.53
C SER C 234 -18.77 24.84 11.02
N ALA C 235 -19.92 25.41 10.68
CA ALA C 235 -20.40 25.40 9.30
C ALA C 235 -19.39 25.90 8.26
N LYS C 236 -18.85 27.10 8.46
CA LYS C 236 -17.92 27.66 7.48
C LYS C 236 -16.65 26.83 7.34
N TRP C 237 -16.07 26.44 8.47
CA TRP C 237 -14.89 25.59 8.48
C TRP C 237 -15.12 24.34 7.63
N ARG C 238 -16.10 23.53 8.01
CA ARG C 238 -16.38 22.28 7.30
C ARG C 238 -16.63 22.50 5.81
N LYS C 239 -16.98 23.72 5.43
CA LYS C 239 -17.20 24.06 4.03
C LYS C 239 -15.86 24.10 3.31
N TYR C 240 -14.91 24.81 3.91
CA TYR C 240 -13.55 24.89 3.40
C TYR C 240 -12.93 23.50 3.25
N LEU C 241 -13.13 22.65 4.25
CA LEU C 241 -12.65 21.27 4.21
C LEU C 241 -13.22 20.52 3.00
N HIS C 242 -14.54 20.54 2.87
CA HIS C 242 -15.19 19.84 1.77
C HIS C 242 -14.78 20.44 0.43
N LEU C 243 -14.48 21.74 0.44
CA LEU C 243 -13.98 22.43 -0.73
C LEU C 243 -12.63 21.82 -1.14
N LYS C 244 -11.70 21.77 -0.19
CA LYS C 244 -10.37 21.23 -0.44
C LYS C 244 -10.42 19.78 -0.90
N MET C 245 -11.34 19.02 -0.33
CA MET C 245 -11.53 17.65 -0.75
C MET C 245 -11.78 17.57 -2.25
N CYS C 246 -12.71 18.39 -2.74
CA CYS C 246 -13.02 18.43 -4.16
C CYS C 246 -11.83 18.87 -4.97
N PHE C 247 -11.24 19.98 -4.56
CA PHE C 247 -10.07 20.55 -5.22
C PHE C 247 -9.01 19.49 -5.47
N TYR C 248 -8.71 18.69 -4.43
CA TYR C 248 -7.67 17.67 -4.53
C TYR C 248 -8.11 16.33 -5.13
N THR C 249 -9.40 16.06 -5.13
CA THR C 249 -9.93 14.89 -5.83
C THR C 249 -9.80 15.13 -7.33
N ALA C 250 -9.96 16.39 -7.73
CA ALA C 250 -9.85 16.77 -9.12
C ALA C 250 -8.40 16.63 -9.62
N TYR C 251 -7.44 16.95 -8.77
CA TYR C 251 -6.03 16.81 -9.11
C TYR C 251 -5.67 15.34 -9.24
N ALA C 252 -6.32 14.52 -8.43
CA ALA C 252 -6.12 13.08 -8.52
C ALA C 252 -6.57 12.63 -9.89
N TYR C 253 -7.79 13.01 -10.26
CA TYR C 253 -8.37 12.58 -11.54
C TYR C 253 -7.59 13.08 -12.74
N CYS C 254 -6.97 14.25 -12.60
CA CYS C 254 -6.17 14.81 -13.68
C CYS C 254 -4.94 13.92 -13.92
N TYR C 255 -4.16 13.68 -12.86
CA TYR C 255 -2.94 12.90 -12.98
C TYR C 255 -3.17 11.40 -13.12
N HIS C 256 -4.38 10.96 -12.85
CA HIS C 256 -4.74 9.57 -13.10
C HIS C 256 -5.03 9.37 -14.58
N GLY C 257 -5.70 10.35 -15.19
CA GLY C 257 -5.95 10.32 -16.62
C GLY C 257 -4.66 10.10 -17.37
N GLU C 258 -3.63 10.85 -16.98
CA GLU C 258 -2.30 10.72 -17.57
C GLU C 258 -1.73 9.31 -17.40
N THR C 259 -2.09 8.67 -16.29
CA THR C 259 -1.71 7.29 -16.04
C THR C 259 -2.38 6.37 -17.04
N LEU C 260 -3.69 6.51 -17.18
CA LEU C 260 -4.49 5.69 -18.08
C LEU C 260 -4.12 5.93 -19.54
N LEU C 261 -3.59 7.11 -19.83
CA LEU C 261 -3.18 7.45 -21.18
C LEU C 261 -1.85 6.79 -21.54
N ALA C 262 -0.92 6.80 -20.59
CA ALA C 262 0.39 6.17 -20.81
C ALA C 262 0.23 4.66 -20.95
N SER C 263 -0.77 4.09 -20.28
CA SER C 263 -1.03 2.67 -20.41
C SER C 263 -1.98 2.46 -21.59
N ASP C 264 -2.23 3.56 -22.30
CA ASP C 264 -2.94 3.52 -23.58
C ASP C 264 -4.39 3.08 -23.48
N LYS C 265 -5.06 3.49 -22.41
CA LYS C 265 -6.50 3.32 -22.33
C LYS C 265 -7.12 4.68 -22.64
N CYS C 266 -7.67 4.82 -23.84
CA CYS C 266 -8.12 6.11 -24.32
C CYS C 266 -9.49 6.53 -23.78
N GLY C 267 -10.45 5.61 -23.83
CA GLY C 267 -11.77 5.89 -23.31
C GLY C 267 -11.74 6.35 -21.86
N GLU C 268 -11.02 5.61 -21.01
CA GLU C 268 -10.99 5.90 -19.58
C GLU C 268 -10.15 7.12 -19.24
N ALA C 269 -9.09 7.36 -20.02
CA ALA C 269 -8.31 8.58 -19.89
C ALA C 269 -9.25 9.78 -20.02
N ILE C 270 -9.86 9.92 -21.19
CA ILE C 270 -10.82 10.98 -21.44
C ILE C 270 -11.84 11.14 -20.32
N ARG C 271 -12.33 10.03 -19.79
CA ARG C 271 -13.35 10.09 -18.74
C ARG C 271 -12.77 10.63 -17.44
N SER C 272 -11.60 10.13 -17.06
CA SER C 272 -10.93 10.59 -15.85
C SER C 272 -10.66 12.09 -15.93
N LEU C 273 -10.35 12.56 -17.14
CA LEU C 273 -10.08 13.97 -17.37
C LEU C 273 -11.34 14.81 -17.35
N GLN C 274 -12.42 14.26 -17.87
CA GLN C 274 -13.72 14.92 -17.81
C GLN C 274 -14.07 15.10 -16.35
N GLU C 275 -13.71 14.12 -15.55
CA GLU C 275 -13.94 14.15 -14.11
C GLU C 275 -13.14 15.27 -13.46
N ALA C 276 -11.84 15.29 -13.74
CA ALA C 276 -10.96 16.34 -13.22
C ALA C 276 -11.54 17.73 -13.47
N GLU C 277 -11.94 18.00 -14.72
CA GLU C 277 -12.49 19.30 -15.09
C GLU C 277 -13.85 19.56 -14.46
N LYS C 278 -14.63 18.51 -14.25
CA LYS C 278 -15.94 18.66 -13.64
C LYS C 278 -15.82 19.06 -12.18
N LEU C 279 -15.05 18.29 -11.41
CA LEU C 279 -14.87 18.55 -9.98
C LEU C 279 -14.27 19.93 -9.69
N TYR C 280 -13.30 20.35 -10.48
CA TYR C 280 -12.67 21.65 -10.29
C TYR C 280 -13.68 22.78 -10.48
N ALA C 281 -14.51 22.67 -11.51
CA ALA C 281 -15.56 23.67 -11.76
C ALA C 281 -16.56 23.68 -10.59
N LYS C 282 -16.76 22.51 -9.99
CA LYS C 282 -17.58 22.42 -8.79
C LYS C 282 -16.87 23.02 -7.58
N ALA C 283 -15.56 22.78 -7.49
CA ALA C 283 -14.78 23.32 -6.38
C ALA C 283 -14.80 24.84 -6.43
N GLU C 284 -14.89 25.42 -7.63
CA GLU C 284 -15.02 26.86 -7.78
C GLU C 284 -16.38 27.32 -7.28
N ALA C 285 -17.34 26.41 -7.27
CA ALA C 285 -18.67 26.70 -6.75
C ALA C 285 -18.58 26.76 -5.22
N LEU C 286 -18.21 25.64 -4.60
CA LEU C 286 -18.02 25.59 -3.15
C LEU C 286 -17.15 26.74 -2.65
N CYS C 287 -16.24 27.21 -3.50
CA CYS C 287 -15.40 28.33 -3.14
C CYS C 287 -16.24 29.56 -2.79
N LYS C 288 -17.23 29.85 -3.62
CA LYS C 288 -18.15 30.97 -3.37
C LYS C 288 -19.19 30.59 -2.34
N GLU C 289 -19.68 29.34 -2.42
CA GLU C 289 -20.56 28.82 -1.39
C GLU C 289 -19.88 28.91 -0.03
N TYR C 290 -18.55 28.86 -0.05
CA TYR C 290 -17.74 29.00 1.16
C TYR C 290 -17.55 30.47 1.58
N GLY C 291 -17.30 31.33 0.59
CA GLY C 291 -17.09 32.75 0.86
C GLY C 291 -18.29 33.40 1.50
N GLU C 292 -19.48 32.95 1.11
CA GLU C 292 -20.73 33.53 1.62
C GLU C 292 -21.33 32.75 2.80
N THR C 293 -20.65 31.70 3.24
CA THR C 293 -21.03 30.96 4.44
C THR C 293 -20.47 31.66 5.70
N LYS C 294 -21.29 31.71 6.74
CA LYS C 294 -20.96 32.48 7.94
C LYS C 294 -20.43 31.62 9.09
N GLY C 295 -19.27 32.01 9.63
CA GLY C 295 -18.64 31.28 10.71
C GLY C 295 -17.26 31.81 11.07
N PRO C 296 -16.66 31.26 12.15
CA PRO C 296 -15.31 31.65 12.60
C PRO C 296 -14.24 31.51 11.50
N GLY C 297 -13.36 32.49 11.42
CA GLY C 297 -12.28 32.51 10.45
C GLY C 297 -12.57 33.38 9.24
N PRO C 298 -11.52 33.98 8.66
CA PRO C 298 -11.60 34.83 7.46
C PRO C 298 -11.77 34.01 6.19
N THR C 299 -12.18 34.65 5.11
CA THR C 299 -12.32 33.99 3.81
C THR C 299 -11.06 34.17 2.96
N VAL C 300 -10.65 33.10 2.29
CA VAL C 300 -9.47 33.12 1.41
C VAL C 300 -9.82 32.66 -0.02
N LYS C 301 -9.06 33.13 -1.01
CA LYS C 301 -9.33 32.73 -2.39
C LYS C 301 -8.10 32.10 -3.05
N PRO C 302 -8.32 31.00 -3.80
CA PRO C 302 -7.27 30.23 -4.49
C PRO C 302 -6.55 30.95 -5.64
N SER C 303 -7.32 31.54 -6.55
CA SER C 303 -6.75 32.12 -7.78
C SER C 303 -5.78 31.13 -8.41
N GLY C 304 -4.68 31.66 -8.95
CA GLY C 304 -3.45 30.90 -9.12
C GLY C 304 -3.50 29.46 -9.60
N HIS C 305 -4.37 29.15 -10.56
CA HIS C 305 -4.45 27.77 -11.02
C HIS C 305 -3.17 27.39 -11.77
N LEU C 306 -2.50 26.33 -11.31
CA LEU C 306 -1.49 25.66 -12.12
C LEU C 306 -2.17 24.45 -12.75
N PHE C 307 -3.42 24.28 -12.36
CA PHE C 307 -4.25 23.15 -12.76
C PHE C 307 -4.50 23.11 -14.26
N PHE C 308 -5.13 24.16 -14.79
CA PHE C 308 -5.52 24.19 -16.20
C PHE C 308 -4.32 24.09 -17.12
N ARG C 309 -3.19 24.62 -16.66
CA ARG C 309 -1.94 24.39 -17.38
C ARG C 309 -1.83 22.90 -17.65
N LYS C 310 -1.75 22.13 -16.58
CA LYS C 310 -1.58 20.68 -16.68
C LYS C 310 -2.72 20.01 -17.46
N LEU C 311 -3.96 20.41 -17.18
CA LEU C 311 -5.11 19.84 -17.88
C LEU C 311 -5.05 20.08 -19.39
N GLY C 312 -4.85 21.34 -19.77
CA GLY C 312 -4.70 21.69 -21.17
C GLY C 312 -3.66 20.86 -21.91
N ASN C 313 -2.52 20.63 -21.27
CA ASN C 313 -1.46 19.82 -21.88
C ASN C 313 -1.84 18.35 -21.99
N LEU C 314 -2.50 17.84 -20.96
CA LEU C 314 -2.96 16.47 -20.96
C LEU C 314 -3.99 16.26 -22.06
N VAL C 315 -4.93 17.19 -22.12
CA VAL C 315 -6.00 17.15 -23.12
C VAL C 315 -5.46 17.14 -24.55
N LYS C 316 -4.51 18.02 -24.84
CA LYS C 316 -3.87 18.02 -26.15
C LYS C 316 -3.32 16.63 -26.45
N ASN C 317 -2.34 16.19 -25.64
CA ASN C 317 -1.71 14.89 -25.84
C ASN C 317 -2.74 13.78 -26.02
N THR C 318 -3.81 13.86 -25.25
CA THR C 318 -4.82 12.81 -25.21
C THR C 318 -5.69 12.83 -26.47
N LEU C 319 -6.04 14.03 -26.91
CA LEU C 319 -6.87 14.19 -28.10
C LEU C 319 -6.13 13.78 -29.37
N GLU C 320 -4.87 14.21 -29.49
CA GLU C 320 -4.06 13.82 -30.64
C GLU C 320 -3.98 12.32 -30.73
N LYS C 321 -3.59 11.70 -29.62
CA LYS C 321 -3.42 10.26 -29.56
C LYS C 321 -4.74 9.49 -29.66
N CYS C 322 -5.76 9.94 -28.92
CA CYS C 322 -7.00 9.17 -28.82
C CYS C 322 -8.03 9.41 -29.92
N GLN C 323 -7.92 10.54 -30.61
CA GLN C 323 -8.87 10.83 -31.68
C GLN C 323 -8.69 9.77 -32.76
N ARG C 324 -9.72 9.58 -33.58
CA ARG C 324 -9.73 8.51 -34.59
C ARG C 324 -10.09 7.19 -33.93
N GLU C 325 -10.26 7.22 -32.62
CA GLU C 325 -10.72 6.08 -31.86
C GLU C 325 -11.96 6.45 -31.06
N ASN C 326 -11.82 7.46 -30.20
CA ASN C 326 -12.95 8.02 -29.47
C ASN C 326 -13.58 9.28 -30.09
N GLY C 327 -13.00 9.79 -31.18
CA GLY C 327 -13.56 10.95 -31.85
C GLY C 327 -12.89 12.28 -31.54
N PHE C 328 -13.25 13.31 -32.28
CA PHE C 328 -12.60 14.61 -32.16
C PHE C 328 -13.19 15.54 -31.09
N ILE C 329 -14.33 16.15 -31.38
CA ILE C 329 -15.01 16.94 -30.35
C ILE C 329 -16.21 16.23 -29.72
N TYR C 330 -16.70 15.19 -30.39
CA TYR C 330 -17.83 14.43 -29.89
C TYR C 330 -17.38 13.02 -29.61
N PHE C 331 -17.27 12.67 -28.34
CA PHE C 331 -16.53 11.48 -27.95
C PHE C 331 -17.39 10.23 -27.81
N GLN C 332 -16.89 9.14 -28.38
CA GLN C 332 -17.61 7.88 -28.41
C GLN C 332 -16.83 6.80 -27.67
N LYS C 333 -17.53 5.76 -27.23
CA LYS C 333 -16.89 4.66 -26.51
C LYS C 333 -16.23 5.16 -25.22
N ILE C 334 -16.93 6.02 -24.50
CA ILE C 334 -16.44 6.56 -23.24
C ILE C 334 -17.14 5.91 -22.06
N PRO C 335 -16.36 5.33 -21.13
CA PRO C 335 -16.94 4.69 -19.94
C PRO C 335 -17.94 5.62 -19.27
N THR C 336 -19.04 5.06 -18.83
CA THR C 336 -20.14 5.85 -18.31
C THR C 336 -19.88 6.30 -16.87
N GLU C 337 -19.00 5.59 -16.19
CA GLU C 337 -18.65 5.93 -14.82
C GLU C 337 -17.19 6.40 -14.73
N ALA C 338 -16.95 7.40 -13.89
CA ALA C 338 -15.57 7.76 -13.54
C ALA C 338 -14.97 6.60 -12.77
N PRO C 339 -13.69 6.29 -13.04
CA PRO C 339 -13.06 5.20 -12.30
C PRO C 339 -12.97 5.57 -10.84
N GLN C 340 -13.22 4.62 -9.94
CA GLN C 340 -13.00 4.92 -8.53
C GLN C 340 -11.51 4.82 -8.21
N LEU C 341 -10.98 5.90 -7.65
CA LEU C 341 -9.57 5.91 -7.30
C LEU C 341 -9.39 5.16 -6.01
N GLU C 342 -8.65 4.07 -6.07
CA GLU C 342 -8.09 3.50 -4.86
C GLU C 342 -6.60 3.64 -5.07
N LEU C 343 -6.01 4.60 -4.37
CA LEU C 343 -4.64 4.95 -4.65
C LEU C 343 -3.90 5.16 -3.37
N LYS C 344 -2.70 4.65 -3.33
CA LYS C 344 -1.94 4.66 -2.12
C LYS C 344 -0.67 5.41 -2.37
N ALA C 345 -0.40 6.37 -1.50
CA ALA C 345 0.78 7.19 -1.65
C ALA C 345 1.96 6.57 -0.92
N ASN C 346 2.99 6.21 -1.67
CA ASN C 346 4.20 5.66 -1.07
C ASN C 346 5.20 6.75 -0.76
N TYR C 347 4.92 7.96 -1.23
CA TYR C 347 5.83 9.09 -1.07
C TYR C 347 5.07 10.36 -0.74
N GLY C 348 5.61 11.12 0.21
CA GLY C 348 5.09 12.44 0.50
C GLY C 348 4.05 12.55 1.61
N LEU C 349 3.71 11.45 2.25
CA LEU C 349 2.78 11.52 3.37
C LEU C 349 3.46 12.11 4.60
N VAL C 350 2.72 12.93 5.32
CA VAL C 350 3.26 13.66 6.46
C VAL C 350 2.89 13.01 7.80
N GLU C 351 3.91 12.69 8.59
CA GLU C 351 3.73 12.41 10.01
C GLU C 351 3.97 13.67 10.84
N PRO C 352 3.28 13.79 11.98
CA PRO C 352 3.54 14.91 12.88
C PRO C 352 4.91 14.78 13.53
N ILE C 353 5.58 15.90 13.76
CA ILE C 353 6.84 15.90 14.49
C ILE C 353 6.56 15.73 15.98
N PRO C 354 7.09 14.64 16.58
CA PRO C 354 6.82 14.32 17.99
C PRO C 354 7.22 15.47 18.91
N PHE C 355 6.30 15.85 19.78
CA PHE C 355 6.50 17.00 20.66
C PHE C 355 6.60 16.58 22.12
N GLU C 356 7.38 17.33 22.89
CA GLU C 356 7.42 17.19 24.34
C GLU C 356 7.59 18.54 25.00
N PHE C 357 6.84 18.78 26.07
CA PHE C 357 7.08 19.97 26.90
C PHE C 357 8.46 19.85 27.55
N PRO C 358 9.10 21.00 27.83
CA PRO C 358 10.41 21.03 28.47
C PRO C 358 10.36 20.54 29.92
N PRO C 359 11.52 20.23 30.51
CA PRO C 359 11.56 19.86 31.93
C PRO C 359 11.16 21.04 32.81
N THR C 360 10.65 20.76 34.01
CA THR C 360 10.34 21.81 34.97
C THR C 360 11.59 22.65 35.25
N SER C 361 11.44 23.97 35.27
CA SER C 361 12.55 24.88 35.49
C SER C 361 13.32 24.56 36.77
N VAL C 362 14.65 24.57 36.68
CA VAL C 362 15.47 24.30 37.86
C VAL C 362 15.29 25.41 38.88
N GLN C 363 14.61 26.48 38.46
CA GLN C 363 14.33 27.59 39.36
C GLN C 363 13.30 27.18 40.40
N TRP C 364 12.63 26.06 40.14
CA TRP C 364 11.69 25.51 41.10
C TRP C 364 12.42 24.58 42.04
N THR C 365 12.51 24.99 43.29
CA THR C 365 13.22 24.23 44.30
C THR C 365 12.28 23.99 45.47
N PRO C 366 12.55 22.94 46.27
CA PRO C 366 11.67 22.67 47.41
C PRO C 366 11.59 23.88 48.31
N GLU C 367 12.67 24.66 48.38
CA GLU C 367 12.72 25.88 49.19
C GLU C 367 11.77 26.93 48.62
N THR C 368 11.89 27.20 47.33
CA THR C 368 10.99 28.13 46.65
C THR C 368 9.54 27.67 46.77
N LEU C 369 9.34 26.35 46.68
CA LEU C 369 8.02 25.76 46.74
C LEU C 369 7.43 25.79 48.16
N ALA C 370 8.31 25.78 49.15
CA ALA C 370 7.88 25.84 50.55
C ALA C 370 7.52 27.27 50.94
N ALA C 371 8.11 28.23 50.22
CA ALA C 371 7.83 29.64 50.44
C ALA C 371 6.38 29.95 50.07
N PHE C 372 5.70 28.97 49.50
CA PHE C 372 4.28 29.07 49.24
C PHE C 372 3.52 28.49 50.44
N ASP C 373 2.84 29.36 51.18
CA ASP C 373 1.98 28.93 52.28
C ASP C 373 0.54 29.28 51.90
N LEU C 374 -0.28 28.26 51.69
CA LEU C 374 -1.61 28.47 51.10
C LEU C 374 -2.61 28.97 52.12
N THR C 375 -2.15 29.14 53.36
CA THR C 375 -2.99 29.66 54.43
C THR C 375 -3.04 31.18 54.41
N THR D 50 18.82 9.88 3.30
CA THR D 50 17.56 9.30 3.77
C THR D 50 16.99 8.31 2.76
N LYS D 51 16.74 7.09 3.21
CA LYS D 51 16.09 6.07 2.39
C LYS D 51 14.82 5.60 3.10
N ASN D 52 13.84 5.13 2.34
CA ASN D 52 12.65 4.59 2.96
C ASN D 52 12.81 3.10 3.23
N LYS D 53 11.73 2.44 3.68
CA LYS D 53 11.82 1.03 4.03
C LYS D 53 12.22 0.15 2.84
N ASP D 54 12.08 0.68 1.62
CA ASP D 54 12.48 -0.06 0.43
C ASP D 54 13.90 0.29 -0.03
N GLY D 55 14.55 1.17 0.71
CA GLY D 55 15.91 1.56 0.40
C GLY D 55 16.01 2.63 -0.67
N VAL D 56 14.88 3.25 -0.99
CA VAL D 56 14.84 4.31 -2.00
C VAL D 56 15.24 5.68 -1.43
N LEU D 57 16.23 6.30 -2.08
CA LEU D 57 16.74 7.60 -1.66
C LEU D 57 15.61 8.62 -1.71
N VAL D 58 15.53 9.43 -0.65
CA VAL D 58 14.34 10.26 -0.45
C VAL D 58 14.63 11.72 -0.14
N ASP D 59 13.72 12.56 -0.61
CA ASP D 59 13.72 14.01 -0.47
C ASP D 59 13.39 14.42 0.97
N GLU D 60 13.73 15.66 1.35
CA GLU D 60 13.38 16.18 2.67
C GLU D 60 11.86 16.22 2.87
N PHE D 61 11.13 16.25 1.77
CA PHE D 61 9.66 16.18 1.82
C PHE D 61 9.15 14.74 1.69
N GLY D 62 10.04 13.82 1.35
CA GLY D 62 9.66 12.43 1.22
C GLY D 62 9.39 12.01 -0.21
N LEU D 63 9.75 12.86 -1.17
CA LEU D 63 9.64 12.52 -2.58
C LEU D 63 10.90 11.79 -3.00
N PRO D 64 10.81 10.93 -4.03
CA PRO D 64 12.00 10.18 -4.44
C PRO D 64 13.04 11.10 -5.06
N GLN D 65 14.30 10.96 -4.68
CA GLN D 65 15.39 11.69 -5.32
C GLN D 65 15.62 11.09 -6.70
N ILE D 66 15.68 11.96 -7.70
CA ILE D 66 15.59 11.56 -9.12
C ILE D 66 14.45 10.57 -9.36
C1 GOL E . 2.90 -17.30 21.03
O1 GOL E . 3.61 -18.49 21.30
C2 GOL E . 2.56 -17.21 19.54
O2 GOL E . 2.98 -18.38 18.89
C3 GOL E . 3.23 -16.01 18.91
O3 GOL E . 2.30 -14.95 18.80
#